data_3O84
#
_entry.id   3O84
#
_cell.length_a   65.534
_cell.length_b   143.312
_cell.length_c   148.815
_cell.angle_alpha   90.00
_cell.angle_beta   90.00
_cell.angle_gamma   90.00
#
_symmetry.space_group_name_H-M   'P 21 21 21'
#
loop_
_entity.id
_entity.type
_entity.pdbx_description
1 polymer 'Peptide arylation enzyme'
2 non-polymer '6-phenyl-1-(pyridin-4-ylmethyl)-1H-pyrazolo[3,4-b]pyridine-4-carboxylic acid'
3 non-polymer 'CALCIUM ION'
4 non-polymer (4S)-2-METHYL-2,4-PENTANEDIOL
5 non-polymer (4R)-2-METHYLPENTANE-2,4-DIOL
6 non-polymer 'TRIETHYLENE GLYCOL'
7 water water
#
_entity_poly.entity_id   1
_entity_poly.type   'polypeptide(L)'
_entity_poly.pdbx_seq_one_letter_code
;GHMKKQLIEFVRWSPERAQHYRNKGYWIDQPLTRILTVGVQSHPHSLAIICGERQLSYIELDRLSTNLATRLAEKGLGKG
DTALVQLPNVAEFYIVFFALLKAGVVVLNALYSHRQYELNAFIKQIQPKLLIGSRQHEVFSNNQFIDSLHDVNLSPEIIL
MLNHQATDFGLLDWIETPAETFVDFSSTPADEVAFFQLSGGSTGTPKLIPRTHNDYDYSVRASAEICGLNSNTRLLCALP
APHNFMLSSPGALGVLHAGGCVVMAPNPEPLNCFSIIQRHQVNMASLVPSAVIMWLEKAAQYKDQIQSLKLLQVGGASFP
ESLARQVPEVLNCKLQQVFGMAEGLVNYTRLDDSDEQIFTTQGRPISSDDEIKIVDEQYREVPEGEIGMLATRGPYTFCG
YYQSPEHNSQVFDEDNYYYSGDLVQRTPDGNLRVVGRIKDQINRGGEKIASEEIEKLILLHPEVMHAALVAIVDEQFGEK
SCAFIVSRNPELKAVVLRRHLMELGIAQYKLPDQIKLIESLPLTAVGKVDKKQLRSILNTSTTS
;
_entity_poly.pdbx_strand_id   A,B
#
loop_
_chem_comp.id
_chem_comp.type
_chem_comp.name
_chem_comp.formula
CA non-polymer 'CALCIUM ION' 'Ca 2'
HTJ non-polymer '6-phenyl-1-(pyridin-4-ylmethyl)-1H-pyrazolo[3,4-b]pyridine-4-carboxylic acid' 'C19 H14 N4 O2'
MPD non-polymer (4S)-2-METHYL-2,4-PENTANEDIOL 'C6 H14 O2'
MRD non-polymer (4R)-2-METHYLPENTANE-2,4-DIOL 'C6 H14 O2'
PGE non-polymer 'TRIETHYLENE GLYCOL' 'C6 H14 O4'
#
# COMPACT_ATOMS: atom_id res chain seq x y z
N LYS A 5 34.34 19.13 1.42
CA LYS A 5 35.06 17.82 1.41
C LYS A 5 34.63 16.91 2.57
N GLN A 6 33.59 17.31 3.31
CA GLN A 6 33.09 16.52 4.43
C GLN A 6 32.23 15.32 3.99
N LEU A 7 32.42 14.20 4.66
CA LEU A 7 31.63 12.99 4.43
C LEU A 7 30.25 13.14 5.05
N ILE A 8 29.26 12.42 4.49
CA ILE A 8 27.90 12.41 5.01
C ILE A 8 27.87 12.05 6.52
N GLU A 9 27.15 12.86 7.28
CA GLU A 9 27.01 12.68 8.72
C GLU A 9 26.00 11.59 9.06
N PHE A 10 26.29 10.81 10.09
CA PHE A 10 25.42 9.71 10.53
C PHE A 10 25.77 9.38 11.97
N VAL A 11 24.90 8.63 12.64
CA VAL A 11 25.15 8.25 14.01
C VAL A 11 25.96 6.95 14.06
N ARG A 12 27.11 7.02 14.69
CA ARG A 12 28.07 5.91 14.78
C ARG A 12 27.71 4.92 15.86
N TRP A 13 28.15 3.67 15.69
CA TRP A 13 28.20 2.72 16.80
C TRP A 13 29.21 3.20 17.83
N SER A 14 28.98 2.84 19.10
CA SER A 14 29.98 3.12 20.12
C SER A 14 31.27 2.36 19.76
N PRO A 15 32.44 2.94 20.12
CA PRO A 15 33.72 2.31 19.74
C PRO A 15 33.92 0.89 20.30
N GLU A 16 33.35 0.61 21.48
CA GLU A 16 33.44 -0.73 22.06
C GLU A 16 32.69 -1.75 21.19
N ARG A 17 31.55 -1.34 20.63
CA ARG A 17 30.78 -2.25 19.77
C ARG A 17 31.48 -2.45 18.42
N ALA A 18 31.97 -1.35 17.84
CA ALA A 18 32.74 -1.38 16.61
C ALA A 18 33.92 -2.34 16.73
N GLN A 19 34.67 -2.23 17.82
CA GLN A 19 35.79 -3.13 18.05
C GLN A 19 35.34 -4.57 18.12
N HIS A 20 34.32 -4.84 18.93
CA HIS A 20 33.77 -6.20 19.03
C HIS A 20 33.39 -6.79 17.67
N TYR A 21 32.75 -5.99 16.83
CA TYR A 21 32.30 -6.47 15.53
C TYR A 21 33.45 -6.72 14.55
N ARG A 22 34.54 -5.98 14.73
CA ARG A 22 35.77 -6.28 14.01
C ARG A 22 36.39 -7.55 14.56
N ASN A 23 36.49 -7.66 15.90
CA ASN A 23 37.06 -8.87 16.53
C ASN A 23 36.33 -10.15 16.12
N LYS A 24 35.00 -10.05 15.96
CA LYS A 24 34.19 -11.19 15.55
C LYS A 24 34.34 -11.53 14.06
N GLY A 25 34.91 -10.62 13.27
CA GLY A 25 35.02 -10.84 11.83
C GLY A 25 33.78 -10.41 11.06
N TYR A 26 32.87 -9.71 11.72
CA TYR A 26 31.68 -9.18 11.05
C TYR A 26 32.06 -8.01 10.15
N TRP A 27 32.74 -7.01 10.73
CA TRP A 27 33.20 -5.86 9.97
C TRP A 27 34.63 -6.14 9.50
N ILE A 28 34.82 -6.20 8.18
CA ILE A 28 36.15 -6.50 7.61
C ILE A 28 36.78 -5.30 6.91
N ASP A 29 36.12 -4.15 7.04
CA ASP A 29 36.61 -2.85 6.55
C ASP A 29 36.94 -2.83 5.07
N GLN A 30 36.03 -3.43 4.29
CA GLN A 30 36.12 -3.37 2.84
C GLN A 30 34.90 -2.63 2.28
N PRO A 31 35.11 -1.89 1.18
CA PRO A 31 33.95 -1.27 0.50
C PRO A 31 33.04 -2.35 -0.11
N LEU A 32 31.79 -2.00 -0.38
CA LEU A 32 30.82 -2.93 -0.97
C LEU A 32 31.26 -3.43 -2.35
N THR A 33 32.09 -2.62 -3.01
CA THR A 33 32.66 -2.99 -4.31
C THR A 33 33.50 -4.27 -4.21
N ARG A 34 33.86 -4.68 -2.98
CA ARG A 34 34.54 -5.97 -2.72
C ARG A 34 33.85 -7.12 -3.46
N ILE A 35 32.53 -7.08 -3.48
CA ILE A 35 31.70 -8.10 -4.14
C ILE A 35 32.10 -8.29 -5.61
N LEU A 36 32.28 -7.18 -6.33
CA LEU A 36 32.72 -7.20 -7.73
C LEU A 36 34.18 -7.54 -7.92
N THR A 37 35.06 -6.88 -7.17
CA THR A 37 36.50 -7.10 -7.27
C THR A 37 36.84 -8.58 -7.12
N VAL A 38 36.25 -9.21 -6.11
CA VAL A 38 36.52 -10.62 -5.81
C VAL A 38 35.96 -11.51 -6.92
N GLY A 39 34.75 -11.19 -7.40
CA GLY A 39 34.09 -11.99 -8.44
C GLY A 39 34.85 -11.97 -9.75
N VAL A 40 35.34 -10.78 -10.09
CA VAL A 40 36.17 -10.57 -11.28
C VAL A 40 37.48 -11.36 -11.23
N GLN A 41 38.11 -11.43 -10.05
CA GLN A 41 39.35 -12.19 -9.91
C GLN A 41 39.14 -13.70 -10.03
N SER A 42 38.00 -14.21 -9.58
CA SER A 42 37.77 -15.66 -9.50
C SER A 42 37.06 -16.26 -10.71
N HIS A 43 36.11 -15.52 -11.28
CA HIS A 43 35.26 -16.05 -12.34
C HIS A 43 34.72 -14.90 -13.20
N PRO A 44 35.62 -14.17 -13.90
CA PRO A 44 35.26 -12.95 -14.61
C PRO A 44 34.16 -13.14 -15.66
N HIS A 45 34.14 -14.30 -16.31
CA HIS A 45 33.22 -14.54 -17.42
C HIS A 45 31.92 -15.28 -17.06
N SER A 46 31.78 -15.72 -15.82
CA SER A 46 30.51 -16.32 -15.41
C SER A 46 29.43 -15.22 -15.30
N LEU A 47 28.16 -15.60 -15.43
CA LEU A 47 27.06 -14.65 -15.47
C LEU A 47 26.75 -14.04 -14.11
N ALA A 48 26.66 -12.70 -14.09
CA ALA A 48 26.29 -11.97 -12.88
C ALA A 48 24.83 -11.53 -12.93
N ILE A 49 24.39 -11.02 -14.08
CA ILE A 49 23.03 -10.55 -14.24
C ILE A 49 22.45 -11.01 -15.58
N ILE A 50 21.24 -11.58 -15.52
CA ILE A 50 20.45 -11.88 -16.70
C ILE A 50 19.28 -10.89 -16.67
N CYS A 51 19.11 -10.15 -17.77
CA CYS A 51 18.05 -9.16 -17.86
C CYS A 51 17.45 -9.15 -19.27
N GLY A 52 16.25 -9.71 -19.40
CA GLY A 52 15.62 -9.91 -20.71
C GLY A 52 16.54 -10.76 -21.56
N GLU A 53 16.97 -10.19 -22.69
CA GLU A 53 17.90 -10.86 -23.61
C GLU A 53 19.38 -10.70 -23.24
N ARG A 54 19.67 -9.91 -22.20
CA ARG A 54 21.06 -9.56 -21.88
C ARG A 54 21.69 -10.51 -20.86
N GLN A 55 23.00 -10.71 -21.01
CA GLN A 55 23.78 -11.55 -20.11
C GLN A 55 25.02 -10.73 -19.75
N LEU A 56 25.07 -10.22 -18.52
CA LEU A 56 26.22 -9.45 -18.04
C LEU A 56 27.09 -10.33 -17.16
N SER A 57 28.32 -10.56 -17.59
CA SER A 57 29.30 -11.29 -16.78
C SER A 57 29.82 -10.43 -15.64
N TYR A 58 30.55 -11.03 -14.71
CA TYR A 58 31.17 -10.30 -13.61
C TYR A 58 32.13 -9.21 -14.10
N ILE A 59 32.94 -9.54 -15.11
CA ILE A 59 33.91 -8.57 -15.64
C ILE A 59 33.23 -7.43 -16.40
N GLU A 60 32.10 -7.72 -17.07
CA GLU A 60 31.32 -6.66 -17.73
C GLU A 60 30.67 -5.73 -16.71
N LEU A 61 30.05 -6.31 -15.69
CA LEU A 61 29.50 -5.49 -14.61
C LEU A 61 30.61 -4.58 -14.03
N ASP A 62 31.80 -5.14 -13.82
CA ASP A 62 32.93 -4.37 -13.28
C ASP A 62 33.36 -3.28 -14.27
N ARG A 63 33.58 -3.63 -15.53
CA ARG A 63 34.02 -2.66 -16.53
C ARG A 63 33.03 -1.51 -16.70
N LEU A 64 31.74 -1.83 -16.81
CA LEU A 64 30.70 -0.82 -17.04
C LEU A 64 30.47 0.11 -15.85
N SER A 65 30.50 -0.43 -14.65
CA SER A 65 30.37 0.40 -13.46
C SER A 65 31.63 1.28 -13.27
N THR A 66 32.81 0.75 -13.60
CA THR A 66 34.03 1.58 -13.66
C THR A 66 33.88 2.71 -14.68
N ASN A 67 33.39 2.38 -15.88
CA ASN A 67 33.19 3.43 -16.91
C ASN A 67 32.41 4.60 -16.39
N LEU A 68 31.24 4.32 -15.82
CA LEU A 68 30.39 5.37 -15.28
C LEU A 68 31.07 6.13 -14.12
N ALA A 69 31.75 5.41 -13.25
CA ALA A 69 32.52 6.05 -12.15
C ALA A 69 33.54 7.06 -12.70
N THR A 70 34.33 6.67 -13.69
CA THR A 70 35.31 7.59 -14.29
C THR A 70 34.68 8.87 -14.84
N ARG A 71 33.48 8.76 -15.41
CA ARG A 71 32.79 9.93 -15.96
C ARG A 71 32.20 10.83 -14.91
N LEU A 72 31.80 10.25 -13.78
CA LEU A 72 31.29 11.05 -12.67
C LEU A 72 32.44 11.79 -11.98
N ALA A 73 33.56 11.09 -11.81
CA ALA A 73 34.77 11.68 -11.22
C ALA A 73 35.28 12.82 -12.09
N GLU A 74 35.28 12.61 -13.42
CA GLU A 74 35.70 13.62 -14.38
C GLU A 74 34.86 14.88 -14.26
N LYS A 75 33.59 14.72 -13.89
CA LYS A 75 32.72 15.86 -13.64
C LYS A 75 32.78 16.43 -12.22
N GLY A 76 33.73 15.93 -11.42
CA GLY A 76 33.91 16.45 -10.06
C GLY A 76 32.90 15.94 -9.05
N LEU A 77 32.23 14.83 -9.35
CA LEU A 77 31.33 14.21 -8.39
C LEU A 77 32.08 13.12 -7.64
N GLY A 78 32.10 13.23 -6.30
CA GLY A 78 32.83 12.28 -5.49
C GLY A 78 32.48 12.33 -4.02
N LYS A 79 33.49 12.05 -3.18
CA LYS A 79 33.31 11.99 -1.73
C LYS A 79 32.70 13.28 -1.21
N GLY A 80 31.65 13.13 -0.40
CA GLY A 80 30.90 14.28 0.10
C GLY A 80 29.66 14.62 -0.71
N ASP A 81 29.57 14.10 -1.93
CA ASP A 81 28.38 14.35 -2.76
C ASP A 81 27.36 13.22 -2.61
N THR A 82 26.11 13.49 -2.99
CA THR A 82 25.05 12.51 -2.98
C THR A 82 24.40 12.40 -4.36
N ALA A 83 23.63 11.34 -4.55
CA ALA A 83 22.91 11.08 -5.80
C ALA A 83 21.53 10.49 -5.49
N LEU A 84 20.55 10.83 -6.31
CA LEU A 84 19.23 10.21 -6.25
C LEU A 84 19.05 9.38 -7.50
N VAL A 85 18.73 8.09 -7.32
CA VAL A 85 18.58 7.19 -8.45
C VAL A 85 17.18 6.57 -8.42
N GLN A 86 16.52 6.53 -9.56
CA GLN A 86 15.23 5.85 -9.67
C GLN A 86 15.18 5.07 -10.97
N LEU A 87 15.39 3.76 -10.89
CA LEU A 87 15.41 2.90 -12.08
C LEU A 87 14.54 1.67 -11.86
N PRO A 88 14.00 1.09 -12.95
CA PRO A 88 13.17 -0.09 -12.77
C PRO A 88 14.05 -1.35 -12.61
N ASN A 89 13.44 -2.52 -12.61
CA ASN A 89 14.18 -3.77 -12.41
C ASN A 89 14.98 -4.21 -13.62
N VAL A 90 16.07 -3.49 -13.90
CA VAL A 90 16.91 -3.74 -15.06
C VAL A 90 18.38 -3.76 -14.65
N ALA A 91 19.23 -4.34 -15.51
CA ALA A 91 20.67 -4.47 -15.22
C ALA A 91 21.36 -3.16 -14.88
N GLU A 92 20.90 -2.06 -15.50
CA GLU A 92 21.45 -0.73 -15.28
C GLU A 92 21.35 -0.27 -13.83
N PHE A 93 20.35 -0.74 -13.09
CA PHE A 93 20.28 -0.45 -11.64
C PHE A 93 21.56 -0.87 -10.92
N TYR A 94 22.03 -2.09 -11.20
CA TYR A 94 23.22 -2.59 -10.52
C TYR A 94 24.49 -1.95 -11.05
N ILE A 95 24.52 -1.66 -12.34
CA ILE A 95 25.68 -0.97 -12.92
C ILE A 95 25.84 0.40 -12.24
N VAL A 96 24.73 1.10 -12.07
CA VAL A 96 24.74 2.42 -11.44
C VAL A 96 25.09 2.34 -9.96
N PHE A 97 24.48 1.38 -9.24
CA PHE A 97 24.77 1.21 -7.82
C PHE A 97 26.26 1.02 -7.58
N PHE A 98 26.87 0.10 -8.33
CA PHE A 98 28.32 -0.17 -8.17
C PHE A 98 29.22 1.00 -8.63
N ALA A 99 28.78 1.73 -9.67
CA ALA A 99 29.49 2.93 -10.12
C ALA A 99 29.55 4.00 -9.02
N LEU A 100 28.44 4.25 -8.36
CA LEU A 100 28.38 5.24 -7.29
C LEU A 100 29.17 4.81 -6.05
N LEU A 101 29.09 3.53 -5.71
CA LEU A 101 29.94 2.95 -4.67
C LEU A 101 31.43 3.13 -5.00
N LYS A 102 31.81 2.91 -6.25
CA LYS A 102 33.18 3.09 -6.71
C LYS A 102 33.63 4.55 -6.64
N ALA A 103 32.73 5.46 -7.00
CA ALA A 103 33.03 6.88 -7.08
C ALA A 103 33.02 7.58 -5.71
N GLY A 104 32.49 6.91 -4.68
CA GLY A 104 32.39 7.48 -3.35
C GLY A 104 31.22 8.43 -3.22
N VAL A 105 30.22 8.24 -4.08
CA VAL A 105 29.00 9.05 -4.06
C VAL A 105 27.93 8.28 -3.28
N VAL A 106 27.43 8.89 -2.22
CA VAL A 106 26.40 8.29 -1.38
C VAL A 106 25.05 8.35 -2.11
N VAL A 107 24.49 7.18 -2.40
CA VAL A 107 23.28 7.10 -3.21
C VAL A 107 22.04 6.76 -2.41
N LEU A 108 20.95 7.44 -2.78
CA LEU A 108 19.64 7.05 -2.36
C LEU A 108 18.93 6.46 -3.58
N ASN A 109 18.57 5.18 -3.49
CA ASN A 109 17.76 4.53 -4.51
C ASN A 109 16.30 4.68 -4.15
N ALA A 110 15.59 5.51 -4.93
CA ALA A 110 14.15 5.61 -4.80
C ALA A 110 13.53 4.35 -5.41
N LEU A 111 12.38 3.95 -4.87
CA LEU A 111 11.57 2.94 -5.54
C LEU A 111 11.04 3.52 -6.84
N TYR A 112 11.02 2.69 -7.88
CA TYR A 112 10.44 3.05 -9.16
C TYR A 112 8.97 3.49 -9.04
N SER A 113 8.28 2.98 -8.02
CA SER A 113 6.90 3.35 -7.74
C SER A 113 6.73 4.70 -7.04
N HIS A 114 7.84 5.28 -6.54
CA HIS A 114 7.77 6.62 -5.94
C HIS A 114 7.45 7.69 -6.97
N ARG A 115 6.80 8.75 -6.51
CA ARG A 115 6.34 9.82 -7.39
C ARG A 115 6.98 11.18 -7.04
N GLN A 116 6.51 12.25 -7.68
CA GLN A 116 7.09 13.59 -7.50
C GLN A 116 7.20 14.00 -6.05
N TYR A 117 6.19 13.68 -5.28
CA TYR A 117 6.17 14.03 -3.87
C TYR A 117 7.35 13.43 -3.05
N GLU A 118 7.55 12.11 -3.15
CA GLU A 118 8.68 11.43 -2.50
C GLU A 118 10.02 11.95 -3.02
N LEU A 119 10.14 12.03 -4.34
CA LEU A 119 11.37 12.45 -4.98
C LEU A 119 11.78 13.87 -4.55
N ASN A 120 10.81 14.79 -4.52
CA ASN A 120 11.00 16.13 -4.00
C ASN A 120 11.52 16.13 -2.58
N ALA A 121 10.90 15.32 -1.72
CA ALA A 121 11.31 15.18 -0.33
C ALA A 121 12.75 14.65 -0.20
N PHE A 122 13.08 13.63 -1.00
CA PHE A 122 14.45 13.08 -1.03
C PHE A 122 15.46 14.12 -1.48
N ILE A 123 15.12 14.91 -2.50
CA ILE A 123 16.02 15.96 -3.00
C ILE A 123 16.34 17.02 -1.94
N LYS A 124 15.32 17.50 -1.22
CA LYS A 124 15.53 18.46 -0.15
C LYS A 124 16.47 17.95 0.94
N GLN A 125 16.36 16.67 1.28
CA GLN A 125 17.13 16.11 2.39
C GLN A 125 18.61 15.86 2.09
N ILE A 126 18.92 15.46 0.86
CA ILE A 126 20.28 15.03 0.53
C ILE A 126 20.97 15.95 -0.47
N GLN A 127 20.18 16.84 -1.09
CA GLN A 127 20.67 17.82 -2.08
C GLN A 127 21.63 17.21 -3.07
N PRO A 128 21.12 16.31 -3.93
CA PRO A 128 22.01 15.56 -4.81
C PRO A 128 22.54 16.38 -5.99
N LYS A 129 23.81 16.19 -6.30
CA LYS A 129 24.43 16.80 -7.47
C LYS A 129 24.23 15.91 -8.70
N LEU A 130 23.78 14.68 -8.47
CA LEU A 130 23.45 13.74 -9.54
C LEU A 130 22.05 13.16 -9.38
N LEU A 131 21.31 13.14 -10.49
CA LEU A 131 20.01 12.49 -10.57
C LEU A 131 19.98 11.57 -11.77
N ILE A 132 19.57 10.33 -11.55
CA ILE A 132 19.43 9.35 -12.61
C ILE A 132 18.02 8.77 -12.57
N GLY A 133 17.30 8.91 -13.68
CA GLY A 133 15.93 8.40 -13.78
C GLY A 133 15.67 7.83 -15.16
N SER A 134 14.39 7.56 -15.45
CA SER A 134 13.98 7.01 -16.74
C SER A 134 12.90 7.89 -17.35
N ARG A 135 13.07 8.20 -18.64
CA ARG A 135 12.09 9.00 -19.38
C ARG A 135 10.72 8.29 -19.51
N GLN A 136 10.71 6.98 -19.28
CA GLN A 136 9.47 6.18 -19.26
C GLN A 136 8.69 6.29 -17.95
N HIS A 137 9.31 6.87 -16.93
CA HIS A 137 8.63 7.08 -15.66
C HIS A 137 7.78 8.34 -15.78
N GLU A 138 6.59 8.28 -15.19
CA GLU A 138 5.64 9.40 -15.18
C GLU A 138 6.29 10.75 -14.83
N VAL A 139 7.13 10.76 -13.79
CA VAL A 139 7.74 11.99 -13.28
C VAL A 139 8.71 12.63 -14.29
N PHE A 140 9.26 11.82 -15.18
CA PHE A 140 10.16 12.32 -16.22
C PHE A 140 9.59 12.15 -17.63
N SER A 141 8.25 12.08 -17.71
CA SER A 141 7.52 12.10 -18.99
C SER A 141 7.78 13.40 -19.72
N ASN A 142 7.55 14.50 -19.00
CA ASN A 142 7.86 15.84 -19.47
C ASN A 142 8.96 16.41 -18.57
N ASN A 143 9.24 17.70 -18.73
CA ASN A 143 10.26 18.37 -17.92
C ASN A 143 9.70 19.19 -16.75
N GLN A 144 8.40 19.06 -16.47
CA GLN A 144 7.78 19.86 -15.42
C GLN A 144 8.48 19.70 -14.06
N PHE A 145 8.76 18.45 -13.67
CA PHE A 145 9.42 18.17 -12.39
C PHE A 145 10.86 18.69 -12.32
N ILE A 146 11.65 18.35 -13.33
CA ILE A 146 13.03 18.84 -13.46
C ILE A 146 13.13 20.38 -13.37
N ASP A 147 12.26 21.08 -14.09
CA ASP A 147 12.22 22.56 -14.06
C ASP A 147 11.90 23.11 -12.68
N SER A 148 11.00 22.45 -11.96
CA SER A 148 10.57 22.86 -10.62
C SER A 148 11.72 22.97 -9.62
N LEU A 149 12.79 22.23 -9.87
CA LEU A 149 13.93 22.19 -8.96
C LEU A 149 14.83 23.41 -9.10
N HIS A 150 14.94 23.92 -10.34
CA HIS A 150 15.65 25.17 -10.63
C HIS A 150 15.02 26.33 -9.85
N ASP A 151 13.69 26.34 -9.83
CA ASP A 151 12.90 27.33 -9.10
C ASP A 151 13.21 27.37 -7.60
N VAL A 152 13.62 26.25 -7.02
CA VAL A 152 13.89 26.17 -5.58
C VAL A 152 15.40 26.01 -5.28
N ASN A 153 16.23 26.20 -6.29
CA ASN A 153 17.69 26.05 -6.18
C ASN A 153 18.14 24.64 -5.75
N LEU A 154 17.44 23.64 -6.26
CA LEU A 154 17.73 22.25 -5.94
C LEU A 154 18.04 21.43 -7.19
N SER A 155 18.43 22.12 -8.26
CA SER A 155 18.85 21.46 -9.49
C SER A 155 20.14 20.68 -9.29
N PRO A 156 20.13 19.37 -9.60
CA PRO A 156 21.39 18.63 -9.63
C PRO A 156 22.28 19.11 -10.77
N GLU A 157 23.59 19.02 -10.59
CA GLU A 157 24.54 19.43 -11.62
C GLU A 157 24.44 18.52 -12.84
N ILE A 158 24.28 17.20 -12.62
CA ILE A 158 24.17 16.23 -13.70
C ILE A 158 22.86 15.44 -13.61
N ILE A 159 22.13 15.41 -14.72
CA ILE A 159 20.93 14.57 -14.84
C ILE A 159 21.17 13.60 -15.96
N LEU A 160 21.06 12.31 -15.65
CA LEU A 160 21.16 11.26 -16.65
C LEU A 160 19.83 10.52 -16.78
N MET A 161 19.46 10.17 -18.00
CA MET A 161 18.20 9.47 -18.24
C MET A 161 18.37 8.16 -18.99
N LEU A 162 17.75 7.11 -18.47
CA LEU A 162 17.53 5.89 -19.23
C LEU A 162 16.39 6.20 -20.20
N ASN A 163 16.37 5.53 -21.35
CA ASN A 163 15.38 5.80 -22.41
C ASN A 163 15.37 7.29 -22.78
N HIS A 164 16.57 7.86 -22.95
CA HIS A 164 16.74 9.30 -23.08
C HIS A 164 16.20 9.88 -24.38
N GLN A 165 15.90 11.17 -24.36
CA GLN A 165 15.61 11.93 -25.57
C GLN A 165 16.93 12.49 -26.13
N ALA A 166 16.87 13.06 -27.33
CA ALA A 166 18.08 13.54 -28.05
C ALA A 166 18.88 14.61 -27.31
N THR A 167 18.20 15.44 -26.52
CA THR A 167 18.86 16.51 -25.75
C THR A 167 19.09 16.17 -24.29
N ASP A 168 18.91 14.89 -23.94
CA ASP A 168 19.26 14.37 -22.62
C ASP A 168 20.68 13.86 -22.65
N PHE A 169 21.32 13.81 -21.48
CA PHE A 169 22.48 12.94 -21.34
C PHE A 169 21.94 11.52 -21.17
N GLY A 170 22.40 10.62 -22.05
CA GLY A 170 21.96 9.23 -22.01
C GLY A 170 22.75 8.41 -21.01
N LEU A 171 22.04 7.79 -20.07
CA LEU A 171 22.66 6.89 -19.10
C LEU A 171 23.55 5.87 -19.80
N LEU A 172 23.02 5.23 -20.85
CA LEU A 172 23.74 4.20 -21.60
C LEU A 172 25.04 4.71 -22.24
N ASP A 173 25.07 5.99 -22.61
CA ASP A 173 26.26 6.62 -23.19
C ASP A 173 27.35 6.84 -22.15
N TRP A 174 26.93 7.17 -20.93
CA TRP A 174 27.86 7.34 -19.81
C TRP A 174 28.30 5.99 -19.22
N ILE A 175 27.62 4.93 -19.61
CA ILE A 175 28.00 3.58 -19.17
C ILE A 175 28.94 2.90 -20.16
N GLU A 176 28.65 3.02 -21.46
CA GLU A 176 29.36 2.26 -22.50
C GLU A 176 30.83 2.65 -22.69
N THR A 177 31.17 3.92 -22.50
CA THR A 177 32.55 4.38 -22.69
C THR A 177 33.10 5.12 -21.48
N PRO A 178 34.37 4.85 -21.12
CA PRO A 178 35.02 5.57 -20.03
C PRO A 178 35.28 7.03 -20.40
N ALA A 179 35.71 7.82 -19.41
CA ALA A 179 35.97 9.24 -19.60
C ALA A 179 37.23 9.47 -20.45
N GLU A 180 37.29 10.63 -21.09
CA GLU A 180 38.48 11.03 -21.86
C GLU A 180 39.69 11.30 -20.96
N THR A 181 39.47 12.03 -19.87
CA THR A 181 40.56 12.39 -18.93
C THR A 181 40.43 11.62 -17.61
N PHE A 182 41.58 11.28 -17.02
CA PHE A 182 41.65 10.57 -15.74
C PHE A 182 41.56 11.52 -14.56
N VAL A 183 40.58 11.27 -13.68
CA VAL A 183 40.50 11.91 -12.36
C VAL A 183 40.43 10.81 -11.29
N ASP A 184 41.17 10.97 -10.21
CA ASP A 184 41.20 9.99 -9.14
C ASP A 184 39.85 9.89 -8.41
N PHE A 185 39.50 8.67 -8.02
CA PHE A 185 38.28 8.43 -7.23
C PHE A 185 38.44 7.16 -6.39
N SER A 186 37.64 7.10 -5.33
CA SER A 186 37.59 5.91 -4.47
C SER A 186 36.30 5.90 -3.66
N SER A 187 35.98 4.72 -3.12
CA SER A 187 34.82 4.54 -2.27
C SER A 187 34.98 5.36 -1.00
N THR A 188 33.87 5.70 -0.37
CA THR A 188 33.89 6.23 0.99
C THR A 188 34.51 5.19 1.93
N PRO A 189 35.11 5.64 3.06
CA PRO A 189 35.74 4.64 3.93
C PRO A 189 34.73 3.60 4.45
N ALA A 190 35.24 2.41 4.79
CA ALA A 190 34.36 1.26 5.07
C ALA A 190 33.46 1.46 6.28
N ASP A 191 33.90 2.26 7.25
CA ASP A 191 33.08 2.54 8.42
C ASP A 191 32.36 3.89 8.30
N GLU A 192 32.22 4.36 7.06
CA GLU A 192 31.47 5.57 6.76
C GLU A 192 30.31 5.21 5.82
N VAL A 193 29.41 6.16 5.57
CA VAL A 193 28.19 5.87 4.78
C VAL A 193 28.52 5.49 3.35
N ALA A 194 27.91 4.39 2.90
CA ALA A 194 27.97 3.98 1.50
C ALA A 194 26.73 4.49 0.75
N PHE A 195 25.56 4.35 1.37
CA PHE A 195 24.30 4.73 0.72
C PHE A 195 23.17 4.83 1.72
N PHE A 196 22.01 5.31 1.26
CA PHE A 196 20.85 5.45 2.12
C PHE A 196 19.84 4.38 1.78
N GLN A 197 19.44 3.60 2.79
CA GLN A 197 18.25 2.76 2.68
C GLN A 197 17.04 3.60 3.06
N LEU A 198 15.85 3.04 2.89
CA LEU A 198 14.61 3.76 3.16
C LEU A 198 13.75 2.94 4.10
N SER A 199 13.16 3.59 5.11
CA SER A 199 12.25 2.89 6.01
C SER A 199 10.99 2.46 5.26
N GLY A 200 10.32 1.43 5.78
CA GLY A 200 9.09 0.91 5.19
C GLY A 200 7.92 1.06 6.15
N THR A 203 4.26 6.38 7.84
CA THR A 203 3.44 7.57 7.56
C THR A 203 4.33 8.74 7.20
N GLY A 204 4.06 9.35 6.04
CA GLY A 204 4.94 10.35 5.45
C GLY A 204 5.86 9.67 4.46
N THR A 205 6.81 10.43 3.93
CA THR A 205 7.79 9.86 3.01
C THR A 205 8.70 8.91 3.79
N PRO A 206 9.24 7.87 3.14
CA PRO A 206 10.22 7.01 3.80
C PRO A 206 11.38 7.81 4.42
N LYS A 207 11.84 7.39 5.58
CA LYS A 207 12.98 8.04 6.23
C LYS A 207 14.31 7.45 5.78
N LEU A 208 15.37 8.26 5.84
CA LEU A 208 16.65 7.85 5.28
C LEU A 208 17.51 7.14 6.31
N ILE A 209 17.93 5.93 5.96
CA ILE A 209 18.71 5.06 6.86
C ILE A 209 20.14 4.99 6.31
N PRO A 210 21.09 5.71 6.94
CA PRO A 210 22.47 5.58 6.48
C PRO A 210 22.97 4.15 6.71
N ARG A 211 23.60 3.55 5.71
CA ARG A 211 24.20 2.23 5.83
C ARG A 211 25.68 2.35 5.46
N THR A 212 26.56 1.80 6.29
CA THR A 212 28.01 1.84 6.02
C THR A 212 28.39 0.59 5.20
N HIS A 213 29.53 0.63 4.53
CA HIS A 213 30.05 -0.54 3.82
C HIS A 213 30.20 -1.71 4.79
N ASN A 214 30.78 -1.45 5.97
CA ASN A 214 31.01 -2.51 6.95
C ASN A 214 29.75 -3.28 7.30
N ASP A 215 28.71 -2.55 7.67
CA ASP A 215 27.51 -3.19 8.18
C ASP A 215 26.70 -3.86 7.06
N TYR A 216 26.62 -3.23 5.89
CA TYR A 216 25.85 -3.79 4.78
C TYR A 216 26.52 -5.04 4.23
N ASP A 217 27.82 -4.97 4.00
CA ASP A 217 28.57 -6.13 3.51
C ASP A 217 28.42 -7.31 4.47
N TYR A 218 28.51 -7.04 5.77
CA TYR A 218 28.35 -8.11 6.75
C TYR A 218 26.99 -8.79 6.61
N SER A 219 25.92 -8.00 6.58
CA SER A 219 24.58 -8.57 6.47
C SER A 219 24.44 -9.39 5.18
N VAL A 220 25.06 -8.91 4.10
CA VAL A 220 25.07 -9.60 2.81
C VAL A 220 25.83 -10.95 2.85
N ARG A 221 27.07 -10.92 3.35
CA ARG A 221 27.90 -12.13 3.43
C ARG A 221 27.25 -13.19 4.34
N ALA A 222 26.77 -12.75 5.49
CA ALA A 222 26.19 -13.63 6.49
C ALA A 222 24.84 -14.20 6.03
N SER A 223 24.02 -13.40 5.36
CA SER A 223 22.79 -13.88 4.73
C SER A 223 23.08 -14.93 3.64
N ALA A 224 24.08 -14.68 2.81
CA ALA A 224 24.44 -15.61 1.74
C ALA A 224 24.79 -16.98 2.31
N GLU A 225 25.51 -17.00 3.43
CA GLU A 225 25.84 -18.26 4.09
C GLU A 225 24.60 -18.95 4.67
N ILE A 226 23.74 -18.18 5.34
CA ILE A 226 22.50 -18.71 5.90
C ILE A 226 21.61 -19.38 4.83
N CYS A 227 21.54 -18.77 3.65
CA CYS A 227 20.67 -19.28 2.58
C CYS A 227 21.37 -20.30 1.68
N GLY A 228 22.65 -20.57 1.95
CA GLY A 228 23.39 -21.60 1.22
C GLY A 228 23.62 -21.25 -0.24
N LEU A 229 23.83 -19.97 -0.51
CA LEU A 229 24.07 -19.51 -1.87
C LEU A 229 25.42 -19.99 -2.35
N ASN A 230 25.55 -20.22 -3.64
CA ASN A 230 26.81 -20.64 -4.25
C ASN A 230 26.80 -20.16 -5.68
N SER A 231 27.81 -20.55 -6.45
CA SER A 231 27.93 -20.05 -7.83
C SER A 231 26.87 -20.59 -8.78
N ASN A 232 26.12 -21.60 -8.35
CA ASN A 232 24.99 -22.11 -9.16
C ASN A 232 23.65 -21.45 -8.83
N THR A 233 23.65 -20.55 -7.83
CA THR A 233 22.43 -19.82 -7.49
C THR A 233 22.00 -18.90 -8.60
N ARG A 234 20.74 -19.07 -9.03
CA ARG A 234 20.10 -18.14 -9.94
C ARG A 234 18.86 -17.60 -9.24
N LEU A 235 18.95 -16.35 -8.80
CA LEU A 235 17.89 -15.72 -7.99
C LEU A 235 17.03 -14.81 -8.85
N LEU A 236 15.73 -15.07 -8.84
CA LEU A 236 14.76 -14.18 -9.46
C LEU A 236 14.65 -12.90 -8.66
N CYS A 237 14.77 -11.76 -9.35
CA CYS A 237 14.58 -10.46 -8.74
CA CYS A 237 14.55 -10.47 -8.71
C CYS A 237 13.26 -9.83 -9.25
N ALA A 238 12.15 -10.21 -8.63
CA ALA A 238 10.81 -9.80 -9.03
C ALA A 238 10.26 -8.71 -8.11
N LEU A 239 10.81 -8.60 -6.91
CA LEU A 239 10.47 -7.49 -6.00
C LEU A 239 11.32 -6.27 -6.41
N PRO A 240 10.98 -5.06 -5.91
CA PRO A 240 11.76 -3.88 -6.30
C PRO A 240 13.24 -4.03 -5.92
N ALA A 241 14.11 -3.91 -6.92
CA ALA A 241 15.54 -4.10 -6.74
C ALA A 241 16.18 -3.32 -5.57
N PRO A 242 15.72 -2.07 -5.29
CA PRO A 242 16.31 -1.28 -4.20
C PRO A 242 15.90 -1.70 -2.79
N HIS A 243 14.80 -2.44 -2.67
CA HIS A 243 14.29 -2.83 -1.36
C HIS A 243 15.30 -3.71 -0.62
N ASN A 244 15.48 -3.44 0.66
CA ASN A 244 16.44 -4.19 1.50
C ASN A 244 16.35 -5.69 1.33
N PHE A 245 15.11 -6.20 1.21
CA PHE A 245 14.81 -7.62 1.05
C PHE A 245 15.42 -8.11 -0.26
N MET A 246 15.11 -7.42 -1.36
CA MET A 246 15.59 -7.84 -2.67
C MET A 246 17.09 -7.52 -2.91
N LEU A 247 17.64 -6.60 -2.14
CA LEU A 247 19.01 -6.16 -2.34
C LEU A 247 20.02 -6.92 -1.47
N SER A 248 19.65 -7.25 -0.23
CA SER A 248 20.62 -7.72 0.75
C SER A 248 20.24 -8.95 1.59
N SER A 249 19.04 -9.50 1.38
CA SER A 249 18.51 -10.49 2.33
C SER A 249 18.06 -11.84 1.78
N PRO A 250 18.97 -12.57 1.12
CA PRO A 250 20.34 -12.21 0.76
C PRO A 250 20.40 -11.36 -0.50
N GLY A 251 19.35 -11.43 -1.33
CA GLY A 251 19.17 -10.51 -2.45
C GLY A 251 20.26 -10.54 -3.51
N ALA A 252 20.22 -9.58 -4.43
CA ALA A 252 21.18 -9.54 -5.53
C ALA A 252 22.63 -9.44 -5.03
N LEU A 253 22.88 -8.66 -3.99
CA LEU A 253 24.24 -8.53 -3.46
C LEU A 253 24.74 -9.85 -2.88
N GLY A 254 23.87 -10.56 -2.17
CA GLY A 254 24.21 -11.85 -1.62
C GLY A 254 24.57 -12.84 -2.70
N VAL A 255 23.78 -12.86 -3.78
CA VAL A 255 24.05 -13.78 -4.90
C VAL A 255 25.37 -13.43 -5.59
N LEU A 256 25.61 -12.15 -5.79
CA LEU A 256 26.88 -11.71 -6.36
C LEU A 256 28.06 -12.04 -5.45
N HIS A 257 27.88 -11.87 -4.15
CA HIS A 257 28.90 -12.27 -3.16
C HIS A 257 29.26 -13.74 -3.31
N ALA A 258 28.25 -14.57 -3.56
CA ALA A 258 28.44 -16.02 -3.71
C ALA A 258 28.82 -16.44 -5.14
N GLY A 259 28.95 -15.48 -6.04
CA GLY A 259 29.37 -15.77 -7.41
C GLY A 259 28.28 -16.31 -8.32
N GLY A 260 27.02 -16.18 -7.91
CA GLY A 260 25.90 -16.69 -8.71
C GLY A 260 25.37 -15.63 -9.67
N CYS A 261 24.13 -15.82 -10.12
CA CYS A 261 23.52 -14.92 -11.09
C CYS A 261 22.16 -14.38 -10.62
N VAL A 262 21.97 -13.08 -10.81
CA VAL A 262 20.68 -12.43 -10.63
C VAL A 262 19.88 -12.48 -11.93
N VAL A 263 18.61 -12.87 -11.84
CA VAL A 263 17.71 -12.94 -13.00
C VAL A 263 16.57 -11.94 -12.80
N MET A 264 16.53 -10.89 -13.62
CA MET A 264 15.58 -9.80 -13.44
C MET A 264 14.18 -10.16 -13.92
N ALA A 265 13.18 -9.64 -13.24
CA ALA A 265 11.82 -9.62 -13.73
C ALA A 265 11.27 -8.27 -13.37
N PRO A 266 10.42 -7.69 -14.23
CA PRO A 266 9.88 -6.36 -13.91
C PRO A 266 9.01 -6.31 -12.65
N ASN A 267 8.33 -7.42 -12.33
CA ASN A 267 7.40 -7.47 -11.20
C ASN A 267 7.03 -8.94 -10.95
N PRO A 268 6.26 -9.23 -9.89
CA PRO A 268 5.94 -10.64 -9.57
C PRO A 268 4.77 -11.31 -10.34
N GLU A 269 4.33 -10.72 -11.45
CA GLU A 269 3.24 -11.31 -12.24
C GLU A 269 3.60 -12.75 -12.61
N PRO A 270 2.75 -13.73 -12.26
CA PRO A 270 3.13 -15.14 -12.30
C PRO A 270 3.48 -15.68 -13.70
N LEU A 271 2.71 -15.34 -14.72
CA LEU A 271 2.95 -15.96 -16.03
C LEU A 271 4.29 -15.54 -16.61
N ASN A 272 4.59 -14.25 -16.56
CA ASN A 272 5.90 -13.76 -16.96
C ASN A 272 7.03 -14.33 -16.09
N CYS A 273 6.87 -14.29 -14.77
CA CYS A 273 7.87 -14.88 -13.85
C CYS A 273 8.09 -16.38 -14.10
N PHE A 274 7.02 -17.12 -14.33
CA PHE A 274 7.11 -18.56 -14.57
C PHE A 274 7.92 -18.86 -15.83
N SER A 275 7.70 -18.10 -16.90
CA SER A 275 8.44 -18.33 -18.14
C SER A 275 9.91 -17.92 -18.00
N ILE A 276 10.19 -16.88 -17.22
CA ILE A 276 11.58 -16.49 -16.93
C ILE A 276 12.28 -17.58 -16.08
N ILE A 277 11.56 -18.10 -15.07
CA ILE A 277 12.05 -19.21 -14.24
C ILE A 277 12.41 -20.41 -15.12
N GLN A 278 11.51 -20.76 -16.03
CA GLN A 278 11.74 -21.85 -16.98
C GLN A 278 12.95 -21.59 -17.90
N ARG A 279 12.95 -20.44 -18.55
CA ARG A 279 13.99 -20.11 -19.53
C ARG A 279 15.39 -20.16 -18.92
N HIS A 280 15.54 -19.59 -17.72
CA HIS A 280 16.88 -19.45 -17.14
C HIS A 280 17.18 -20.45 -16.04
N GLN A 281 16.24 -21.36 -15.80
CA GLN A 281 16.34 -22.34 -14.72
C GLN A 281 16.61 -21.67 -13.37
N VAL A 282 15.82 -20.64 -13.07
CA VAL A 282 15.89 -19.96 -11.78
C VAL A 282 15.69 -21.00 -10.67
N ASN A 283 16.55 -20.96 -9.64
CA ASN A 283 16.43 -21.90 -8.53
C ASN A 283 16.09 -21.28 -7.18
N MET A 284 15.97 -19.96 -7.14
CA MET A 284 15.61 -19.24 -5.92
C MET A 284 14.77 -18.03 -6.28
N ALA A 285 13.82 -17.68 -5.42
CA ALA A 285 13.01 -16.46 -5.59
C ALA A 285 12.64 -15.89 -4.23
N SER A 286 12.18 -14.64 -4.22
CA SER A 286 11.89 -13.93 -2.99
C SER A 286 10.61 -13.12 -3.21
N LEU A 287 9.64 -13.31 -2.32
CA LEU A 287 8.32 -12.74 -2.53
C LEU A 287 7.74 -12.26 -1.21
N VAL A 288 6.71 -11.42 -1.32
CA VAL A 288 5.82 -11.07 -0.22
C VAL A 288 4.51 -11.91 -0.36
N PRO A 289 3.75 -12.08 0.74
CA PRO A 289 2.57 -12.96 0.73
C PRO A 289 1.53 -12.72 -0.38
N SER A 290 1.20 -11.47 -0.69
CA SER A 290 0.25 -11.17 -1.78
C SER A 290 0.69 -11.76 -3.13
N ALA A 291 2.00 -11.72 -3.40
CA ALA A 291 2.53 -12.31 -4.62
C ALA A 291 2.62 -13.84 -4.56
N VAL A 292 2.95 -14.39 -3.39
CA VAL A 292 2.89 -15.85 -3.21
C VAL A 292 1.49 -16.39 -3.60
N ILE A 293 0.45 -15.70 -3.14
CA ILE A 293 -0.93 -16.08 -3.44
C ILE A 293 -1.17 -16.14 -4.96
N MET A 294 -0.73 -15.11 -5.68
CA MET A 294 -0.85 -15.07 -7.13
C MET A 294 -0.17 -16.27 -7.79
N TRP A 295 1.03 -16.62 -7.32
CA TRP A 295 1.78 -17.73 -7.88
C TRP A 295 1.05 -19.04 -7.59
N LEU A 296 0.59 -19.19 -6.35
CA LEU A 296 -0.13 -20.40 -5.92
C LEU A 296 -1.32 -20.73 -6.81
N GLU A 297 -2.04 -19.70 -7.25
CA GLU A 297 -3.23 -19.85 -8.09
C GLU A 297 -2.95 -20.39 -9.48
N LYS A 298 -1.75 -20.17 -9.99
CA LYS A 298 -1.42 -20.64 -11.34
C LYS A 298 -0.45 -21.82 -11.35
N ALA A 299 0.14 -22.14 -10.20
CA ALA A 299 1.25 -23.10 -10.12
C ALA A 299 0.92 -24.56 -10.49
N ALA A 300 -0.29 -25.02 -10.21
CA ALA A 300 -0.67 -26.40 -10.57
C ALA A 300 -0.58 -26.58 -12.09
N GLN A 301 -1.20 -25.65 -12.81
CA GLN A 301 -1.25 -25.69 -14.27
C GLN A 301 0.12 -25.47 -14.94
N TYR A 302 0.99 -24.69 -14.31
CA TYR A 302 2.29 -24.37 -14.89
C TYR A 302 3.43 -25.02 -14.10
N LYS A 303 3.08 -26.11 -13.42
CA LYS A 303 4.01 -26.91 -12.62
C LYS A 303 5.35 -27.16 -13.35
N ASP A 304 5.28 -27.48 -14.63
CA ASP A 304 6.48 -27.74 -15.46
C ASP A 304 7.46 -26.55 -15.51
N GLN A 305 6.92 -25.35 -15.61
CA GLN A 305 7.73 -24.14 -15.78
C GLN A 305 8.55 -23.74 -14.56
N ILE A 306 8.07 -24.10 -13.36
CA ILE A 306 8.68 -23.65 -12.11
C ILE A 306 9.39 -24.74 -11.32
N GLN A 307 9.50 -25.94 -11.90
CA GLN A 307 10.12 -27.07 -11.18
C GLN A 307 11.51 -26.78 -10.61
N SER A 308 12.29 -26.00 -11.36
CA SER A 308 13.69 -25.68 -11.00
C SER A 308 13.83 -24.85 -9.71
N LEU A 309 12.76 -24.19 -9.26
CA LEU A 309 12.81 -23.47 -7.98
C LEU A 309 13.19 -24.42 -6.86
N LYS A 310 14.21 -24.07 -6.09
CA LYS A 310 14.62 -24.91 -4.96
C LYS A 310 14.31 -24.23 -3.65
N LEU A 311 14.28 -22.90 -3.65
CA LEU A 311 14.07 -22.17 -2.41
C LEU A 311 13.25 -20.92 -2.70
N LEU A 312 12.20 -20.72 -1.90
CA LEU A 312 11.43 -19.48 -1.95
C LEU A 312 11.45 -18.77 -0.61
N GLN A 313 11.92 -17.53 -0.62
CA GLN A 313 11.82 -16.70 0.57
C GLN A 313 10.51 -15.95 0.55
N VAL A 314 9.90 -15.85 1.71
CA VAL A 314 8.67 -15.08 1.86
C VAL A 314 8.82 -14.15 3.06
N GLY A 315 8.66 -12.86 2.81
CA GLY A 315 8.73 -11.90 3.89
C GLY A 315 7.64 -10.88 3.76
N GLY A 316 7.27 -10.27 4.87
CA GLY A 316 6.42 -9.13 4.81
C GLY A 316 5.27 -9.22 5.77
N ALA A 317 4.09 -9.18 5.18
CA ALA A 317 2.81 -8.95 5.83
C ALA A 317 2.44 -10.05 6.83
N SER A 318 1.44 -10.82 6.47
CA SER A 318 0.98 -11.90 7.31
C SER A 318 1.08 -13.13 6.46
N PHE A 319 1.70 -14.17 7.01
CA PHE A 319 1.89 -15.40 6.27
C PHE A 319 1.48 -16.57 7.16
N PRO A 320 0.16 -16.80 7.27
CA PRO A 320 -0.39 -17.84 8.14
C PRO A 320 0.08 -19.24 7.75
N GLU A 321 0.16 -20.12 8.74
CA GLU A 321 0.64 -21.50 8.57
C GLU A 321 0.01 -22.22 7.37
N SER A 322 -1.31 -22.06 7.22
CA SER A 322 -2.05 -22.77 6.18
C SER A 322 -1.62 -22.33 4.79
N LEU A 323 -1.19 -21.07 4.69
CA LEU A 323 -0.66 -20.56 3.44
C LEU A 323 0.79 -21.01 3.22
N ALA A 324 1.61 -20.90 4.26
CA ALA A 324 3.01 -21.33 4.26
C ALA A 324 3.19 -22.81 3.85
N ARG A 325 2.31 -23.68 4.34
CA ARG A 325 2.36 -25.11 4.02
C ARG A 325 2.11 -25.37 2.54
N GLN A 326 1.39 -24.48 1.89
CA GLN A 326 1.13 -24.60 0.46
C GLN A 326 2.36 -24.35 -0.41
N VAL A 327 3.38 -23.67 0.12
CA VAL A 327 4.58 -23.38 -0.69
C VAL A 327 5.29 -24.68 -1.15
N PRO A 328 5.71 -25.55 -0.21
CA PRO A 328 6.33 -26.80 -0.69
C PRO A 328 5.34 -27.71 -1.39
N GLU A 329 4.08 -27.70 -0.93
CA GLU A 329 3.02 -28.53 -1.54
C GLU A 329 2.74 -28.17 -3.01
N VAL A 330 2.67 -26.87 -3.31
CA VAL A 330 2.21 -26.40 -4.63
C VAL A 330 3.33 -25.80 -5.51
N LEU A 331 4.28 -25.08 -4.91
CA LEU A 331 5.37 -24.48 -5.68
C LEU A 331 6.59 -25.40 -5.74
N ASN A 332 6.51 -26.50 -4.99
CA ASN A 332 7.47 -27.61 -5.11
C ASN A 332 8.90 -27.16 -4.81
N CYS A 333 9.05 -26.40 -3.73
CA CYS A 333 10.35 -25.89 -3.33
C CYS A 333 10.33 -25.69 -1.81
N LYS A 334 11.52 -25.58 -1.23
CA LYS A 334 11.65 -25.30 0.19
C LYS A 334 11.19 -23.87 0.49
N LEU A 335 10.58 -23.68 1.65
CA LEU A 335 10.22 -22.35 2.13
C LEU A 335 11.22 -21.80 3.16
N GLN A 336 11.52 -20.52 3.03
CA GLN A 336 12.23 -19.81 4.09
C GLN A 336 11.44 -18.56 4.42
N GLN A 337 11.09 -18.37 5.68
CA GLN A 337 10.42 -17.15 6.10
C GLN A 337 11.45 -16.12 6.51
N VAL A 338 11.19 -14.86 6.14
CA VAL A 338 12.13 -13.80 6.42
C VAL A 338 11.38 -12.64 7.06
N PHE A 339 11.84 -12.19 8.22
CA PHE A 339 11.30 -10.97 8.80
C PHE A 339 12.44 -10.01 9.08
N GLY A 340 12.46 -8.92 8.34
CA GLY A 340 13.55 -7.96 8.46
C GLY A 340 13.05 -6.53 8.40
N MET A 341 14.00 -5.59 8.44
CA MET A 341 13.70 -4.17 8.34
C MET A 341 14.92 -3.49 7.70
N ALA A 342 14.65 -2.48 6.88
CA ALA A 342 15.72 -1.69 6.27
C ALA A 342 16.61 -1.00 7.31
N GLU A 343 16.10 -0.83 8.53
CA GLU A 343 16.88 -0.26 9.64
C GLU A 343 18.02 -1.18 10.13
N GLY A 344 17.89 -2.49 9.86
CA GLY A 344 18.94 -3.42 10.24
C GLY A 344 18.51 -4.87 10.35
N LEU A 345 18.13 -5.27 11.56
CA LEU A 345 17.77 -6.65 11.90
C LEU A 345 17.00 -7.40 10.83
N VAL A 346 17.56 -8.55 10.43
CA VAL A 346 16.86 -9.50 9.58
C VAL A 346 16.88 -10.88 10.24
N ASN A 347 15.71 -11.54 10.24
CA ASN A 347 15.52 -12.89 10.76
C ASN A 347 15.20 -13.85 9.62
N TYR A 348 15.80 -15.05 9.66
CA TYR A 348 15.54 -16.10 8.70
C TYR A 348 15.24 -17.39 9.42
N THR A 349 14.25 -18.14 8.93
CA THR A 349 14.21 -19.56 9.28
C THR A 349 15.40 -20.22 8.60
N ARG A 350 16.04 -21.17 9.27
CA ARG A 350 17.19 -21.84 8.67
C ARG A 350 16.74 -22.96 7.75
N LEU A 351 17.60 -23.34 6.80
CA LEU A 351 17.25 -24.36 5.83
C LEU A 351 17.10 -25.75 6.45
N ASP A 352 17.70 -25.96 7.63
CA ASP A 352 17.57 -27.23 8.35
C ASP A 352 16.66 -27.10 9.60
N ASP A 353 15.87 -26.03 9.67
CA ASP A 353 14.86 -25.92 10.70
C ASP A 353 13.77 -26.97 10.49
N SER A 354 13.01 -27.27 11.54
CA SER A 354 11.91 -28.23 11.44
C SER A 354 10.73 -27.59 10.70
N ASP A 355 9.86 -28.43 10.15
CA ASP A 355 8.63 -28.00 9.50
C ASP A 355 7.84 -26.97 10.32
N GLU A 356 7.68 -27.25 11.61
CA GLU A 356 6.93 -26.38 12.51
C GLU A 356 7.55 -24.99 12.62
N GLN A 357 8.88 -24.94 12.73
CA GLN A 357 9.62 -23.69 12.75
C GLN A 357 9.43 -22.93 11.42
N ILE A 358 9.54 -23.66 10.31
CA ILE A 358 9.46 -23.05 8.98
C ILE A 358 8.05 -22.52 8.66
N PHE A 359 7.03 -23.27 9.07
CA PHE A 359 5.65 -22.90 8.74
C PHE A 359 4.99 -21.97 9.75
N THR A 360 5.52 -21.86 10.96
CA THR A 360 4.83 -21.09 12.00
C THR A 360 5.66 -19.96 12.62
N THR A 361 6.90 -19.78 12.17
CA THR A 361 7.75 -18.70 12.69
C THR A 361 8.44 -17.89 11.57
N GLN A 362 8.94 -16.73 11.95
CA GLN A 362 9.66 -15.87 11.02
C GLN A 362 11.17 -15.90 11.33
N GLY A 363 11.60 -16.98 11.98
CA GLY A 363 13.02 -17.30 12.12
C GLY A 363 13.79 -16.59 13.22
N ARG A 364 15.10 -16.55 13.07
CA ARG A 364 15.95 -15.93 14.08
C ARG A 364 17.05 -15.07 13.44
N PRO A 365 17.65 -14.16 14.21
CA PRO A 365 18.55 -13.15 13.65
C PRO A 365 19.75 -13.73 12.92
N ILE A 366 20.26 -12.96 11.97
CA ILE A 366 21.51 -13.30 11.29
C ILE A 366 22.65 -13.60 12.27
N SER A 367 22.81 -12.74 13.26
CA SER A 367 24.04 -12.67 14.05
C SER A 367 23.80 -13.14 15.48
N SER A 368 24.76 -13.89 16.04
CA SER A 368 24.73 -14.17 17.49
C SER A 368 24.85 -12.87 18.30
N ASP A 369 25.31 -11.79 17.67
CA ASP A 369 25.39 -10.49 18.34
C ASP A 369 24.29 -9.50 17.98
N ASP A 370 23.27 -9.98 17.29
CA ASP A 370 22.01 -9.26 17.24
C ASP A 370 21.38 -9.38 18.61
N GLU A 371 21.23 -8.27 19.29
CA GLU A 371 20.64 -8.30 20.63
C GLU A 371 19.18 -7.89 20.53
N ILE A 372 18.33 -8.61 21.26
CA ILE A 372 16.89 -8.44 21.16
C ILE A 372 16.26 -8.33 22.54
N LYS A 373 15.48 -7.27 22.74
CA LYS A 373 14.59 -7.19 23.91
C LYS A 373 13.15 -7.23 23.43
N ILE A 374 12.32 -7.98 24.14
CA ILE A 374 10.88 -8.00 23.87
C ILE A 374 10.18 -7.42 25.10
N VAL A 375 9.59 -6.23 24.96
CA VAL A 375 9.16 -5.44 26.12
C VAL A 375 7.67 -5.07 26.20
N ASP A 376 7.20 -4.82 27.43
CA ASP A 376 5.81 -4.42 27.68
C ASP A 376 5.63 -2.90 27.59
N GLU A 377 4.44 -2.42 27.95
CA GLU A 377 4.08 -1.00 27.88
C GLU A 377 4.93 -0.11 28.78
N GLN A 378 5.53 -0.69 29.82
CA GLN A 378 6.46 0.05 30.71
C GLN A 378 7.93 -0.24 30.38
N TYR A 379 8.18 -0.83 29.21
CA TYR A 379 9.53 -1.13 28.72
C TYR A 379 10.32 -2.10 29.57
N ARG A 380 9.62 -2.99 30.26
CA ARG A 380 10.24 -4.08 30.98
C ARG A 380 10.19 -5.32 30.10
N GLU A 381 11.25 -6.12 30.13
CA GLU A 381 11.28 -7.37 29.38
C GLU A 381 10.17 -8.29 29.85
N VAL A 382 9.32 -8.71 28.92
CA VAL A 382 8.20 -9.59 29.19
C VAL A 382 8.73 -10.98 29.58
N PRO A 383 7.92 -11.77 30.31
CA PRO A 383 8.35 -13.16 30.55
C PRO A 383 8.51 -13.93 29.24
N GLU A 384 9.40 -14.91 29.23
CA GLU A 384 9.72 -15.69 28.03
C GLU A 384 8.48 -16.26 27.37
N GLY A 385 8.35 -16.03 26.06
CA GLY A 385 7.24 -16.59 25.28
C GLY A 385 6.05 -15.67 25.14
N GLU A 386 6.04 -14.57 25.88
CA GLU A 386 4.93 -13.61 25.82
C GLU A 386 5.14 -12.60 24.70
N ILE A 387 4.04 -11.96 24.30
CA ILE A 387 4.06 -10.96 23.23
C ILE A 387 4.51 -9.61 23.78
N GLY A 388 5.43 -8.96 23.05
CA GLY A 388 5.87 -7.61 23.40
C GLY A 388 6.43 -6.84 22.21
N MET A 389 6.88 -5.62 22.47
CA MET A 389 7.45 -4.75 21.44
C MET A 389 8.92 -5.11 21.24
N LEU A 390 9.33 -5.22 19.98
CA LEU A 390 10.70 -5.57 19.64
C LEU A 390 11.63 -4.37 19.81
N ALA A 391 12.75 -4.59 20.49
CA ALA A 391 13.83 -3.61 20.50
C ALA A 391 15.12 -4.34 20.16
N THR A 392 15.97 -3.73 19.34
CA THR A 392 17.15 -4.43 18.84
C THR A 392 18.34 -3.52 18.56
N ARG A 393 19.52 -4.11 18.61
CA ARG A 393 20.76 -3.46 18.18
C ARG A 393 21.72 -4.59 17.81
N GLY A 394 22.67 -4.28 16.93
CA GLY A 394 23.63 -5.29 16.47
C GLY A 394 24.59 -4.72 15.43
N PRO A 395 25.42 -5.61 14.85
CA PRO A 395 26.49 -5.20 13.92
C PRO A 395 26.04 -4.64 12.57
N TYR A 396 24.75 -4.73 12.25
CA TYR A 396 24.25 -4.15 11.00
C TYR A 396 22.93 -3.36 11.19
N THR A 397 22.60 -3.07 12.45
CA THR A 397 21.44 -2.24 12.77
C THR A 397 21.92 -0.82 13.03
N PHE A 398 21.24 0.14 12.39
CA PHE A 398 21.61 1.55 12.40
C PHE A 398 21.48 2.19 13.77
N CYS A 399 22.09 3.37 13.93
CA CYS A 399 22.07 4.06 15.22
C CYS A 399 21.25 5.36 15.20
N GLY A 400 20.64 5.64 14.04
CA GLY A 400 19.73 6.79 13.89
C GLY A 400 19.46 7.17 12.45
N TYR A 401 18.24 7.65 12.17
CA TYR A 401 17.91 8.17 10.86
C TYR A 401 18.75 9.42 10.53
N TYR A 402 18.93 9.67 9.24
CA TYR A 402 19.71 10.81 8.75
C TYR A 402 19.08 12.15 9.12
N GLN A 403 19.88 13.03 9.73
CA GLN A 403 19.44 14.39 10.11
C GLN A 403 18.09 14.37 10.80
N SER A 404 17.90 13.48 11.77
CA SER A 404 16.60 13.35 12.42
C SER A 404 16.73 13.18 13.92
N PRO A 405 17.36 14.16 14.61
CA PRO A 405 17.66 13.97 16.04
C PRO A 405 16.43 13.85 16.94
N GLU A 406 15.33 14.51 16.57
CA GLU A 406 14.10 14.48 17.38
C GLU A 406 13.42 13.11 17.30
N HIS A 407 13.21 12.61 16.08
CA HIS A 407 12.63 11.27 15.89
C HIS A 407 13.52 10.17 16.49
N ASN A 408 14.84 10.29 16.29
CA ASN A 408 15.81 9.36 16.84
C ASN A 408 15.70 9.20 18.35
N SER A 409 15.48 10.32 19.04
CA SER A 409 15.34 10.30 20.50
C SER A 409 14.09 9.53 20.92
N GLN A 410 13.09 9.49 20.04
CA GLN A 410 11.83 8.78 20.33
C GLN A 410 11.86 7.27 20.01
N VAL A 411 12.74 6.83 19.10
CA VAL A 411 12.81 5.40 18.73
C VAL A 411 14.02 4.62 19.26
N PHE A 412 14.95 5.31 19.91
CA PHE A 412 16.10 4.66 20.56
C PHE A 412 16.06 4.86 22.07
N ASP A 413 16.44 3.83 22.82
CA ASP A 413 16.64 4.00 24.25
C ASP A 413 18.10 4.35 24.57
N GLU A 414 18.41 4.52 25.85
CA GLU A 414 19.74 4.96 26.28
C GLU A 414 20.85 3.95 25.98
N ASP A 415 20.49 2.67 25.86
CA ASP A 415 21.44 1.65 25.44
C ASP A 415 21.49 1.47 23.92
N ASN A 416 20.93 2.45 23.21
CA ASN A 416 20.93 2.47 21.74
C ASN A 416 20.18 1.31 21.05
N TYR A 417 19.21 0.74 21.76
CA TYR A 417 18.30 -0.23 21.14
C TYR A 417 17.31 0.53 20.30
N TYR A 418 17.04 -0.02 19.11
CA TYR A 418 16.05 0.52 18.20
C TYR A 418 14.70 -0.18 18.39
N TYR A 419 13.63 0.63 18.52
CA TYR A 419 12.27 0.14 18.72
C TYR A 419 11.54 0.22 17.40
N SER A 420 11.32 -0.94 16.80
CA SER A 420 10.83 -1.03 15.43
C SER A 420 9.31 -0.84 15.31
N GLY A 421 8.59 -0.94 16.43
CA GLY A 421 7.14 -0.96 16.38
C GLY A 421 6.54 -2.35 16.19
N ASP A 422 7.37 -3.38 16.05
CA ASP A 422 6.86 -4.73 15.82
C ASP A 422 6.50 -5.46 17.10
N LEU A 423 5.37 -6.17 17.08
CA LEU A 423 4.99 -7.02 18.20
C LEU A 423 5.37 -8.45 17.90
N VAL A 424 6.13 -9.04 18.81
CA VAL A 424 6.71 -10.36 18.57
C VAL A 424 6.70 -11.22 19.84
N GLN A 425 6.90 -12.51 19.67
CA GLN A 425 7.14 -13.41 20.80
C GLN A 425 8.21 -14.42 20.41
N ARG A 426 9.05 -14.79 21.37
CA ARG A 426 10.08 -15.79 21.13
C ARG A 426 9.48 -17.16 21.43
N THR A 427 9.64 -18.08 20.49
CA THR A 427 9.12 -19.43 20.65
C THR A 427 10.09 -20.24 21.51
N PRO A 428 9.61 -21.33 22.15
CA PRO A 428 10.54 -22.13 22.95
C PRO A 428 11.75 -22.62 22.15
N ASP A 429 11.57 -22.81 20.83
CA ASP A 429 12.68 -23.24 19.94
C ASP A 429 13.76 -22.17 19.67
N GLY A 430 13.48 -20.90 20.00
CA GLY A 430 14.44 -19.80 19.76
C GLY A 430 14.13 -18.83 18.63
N ASN A 431 13.10 -19.15 17.82
CA ASN A 431 12.71 -18.30 16.70
C ASN A 431 11.74 -17.19 17.12
N LEU A 432 11.55 -16.21 16.24
CA LEU A 432 10.58 -15.15 16.49
C LEU A 432 9.28 -15.38 15.71
N ARG A 433 8.16 -15.04 16.34
CA ARG A 433 6.87 -14.98 15.66
C ARG A 433 6.41 -13.53 15.66
N VAL A 434 6.22 -13.00 14.46
CA VAL A 434 5.73 -11.63 14.32
C VAL A 434 4.21 -11.68 14.42
N VAL A 435 3.68 -10.93 15.37
CA VAL A 435 2.28 -11.06 15.77
C VAL A 435 1.46 -9.82 15.37
N GLY A 436 2.15 -8.69 15.21
CA GLY A 436 1.47 -7.47 14.82
C GLY A 436 2.38 -6.26 14.88
N ARG A 437 1.77 -5.09 14.95
CA ARG A 437 2.50 -3.83 14.91
C ARG A 437 1.85 -2.79 15.79
N ILE A 438 2.68 -1.94 16.42
CA ILE A 438 2.21 -0.80 17.21
C ILE A 438 2.54 0.47 16.45
N LYS A 439 1.52 1.31 16.26
CA LYS A 439 1.62 2.50 15.40
C LYS A 439 2.42 3.63 16.06
N LYS B 5 -34.47 -14.62 -9.90
CA LYS B 5 -35.12 -15.59 -8.97
C LYS B 5 -34.47 -15.58 -7.57
N GLN B 6 -33.28 -16.19 -7.45
CA GLN B 6 -32.59 -16.23 -6.16
C GLN B 6 -31.87 -14.91 -5.86
N LEU B 7 -32.16 -14.33 -4.69
CA LEU B 7 -31.46 -13.13 -4.24
C LEU B 7 -30.09 -13.55 -3.71
N ILE B 8 -29.12 -12.64 -3.82
CA ILE B 8 -27.76 -12.88 -3.33
C ILE B 8 -27.79 -13.33 -1.84
N GLU B 9 -27.07 -14.43 -1.55
CA GLU B 9 -26.99 -14.97 -0.19
C GLU B 9 -26.01 -14.18 0.67
N PHE B 10 -26.34 -14.03 1.95
CA PHE B 10 -25.49 -13.36 2.92
C PHE B 10 -25.87 -13.85 4.32
N VAL B 11 -25.04 -13.55 5.32
CA VAL B 11 -25.36 -13.91 6.70
C VAL B 11 -26.21 -12.82 7.37
N ARG B 12 -27.39 -13.23 7.84
CA ARG B 12 -28.33 -12.34 8.49
C ARG B 12 -27.97 -12.03 9.93
N TRP B 13 -28.41 -10.86 10.40
CA TRP B 13 -28.52 -10.58 11.81
C TRP B 13 -29.54 -11.54 12.42
N SER B 14 -29.36 -11.90 13.68
CA SER B 14 -30.36 -12.70 14.39
C SER B 14 -31.67 -11.88 14.44
N PRO B 15 -32.83 -12.56 14.40
CA PRO B 15 -34.10 -11.81 14.32
C PRO B 15 -34.34 -10.85 15.52
N GLU B 16 -33.82 -11.20 16.70
CA GLU B 16 -33.93 -10.32 17.88
C GLU B 16 -33.21 -8.99 17.67
N ARG B 17 -31.99 -9.04 17.12
CA ARG B 17 -31.23 -7.82 16.84
C ARG B 17 -31.92 -6.97 15.76
N ALA B 18 -32.38 -7.63 14.71
CA ALA B 18 -33.11 -6.98 13.62
C ALA B 18 -34.33 -6.19 14.15
N GLN B 19 -35.12 -6.83 15.01
CA GLN B 19 -36.26 -6.15 15.63
C GLN B 19 -35.83 -4.93 16.46
N HIS B 20 -34.82 -5.13 17.29
CA HIS B 20 -34.28 -4.04 18.10
C HIS B 20 -33.86 -2.83 17.25
N TYR B 21 -33.19 -3.10 16.13
CA TYR B 21 -32.69 -2.02 15.25
C TYR B 21 -33.83 -1.29 14.55
N ARG B 22 -34.89 -2.04 14.25
CA ARG B 22 -36.13 -1.44 13.75
C ARG B 22 -36.82 -0.63 14.85
N ASN B 23 -36.93 -1.20 16.05
CA ASN B 23 -37.57 -0.48 17.18
C ASN B 23 -36.87 0.85 17.50
N LYS B 24 -35.53 0.86 17.38
CA LYS B 24 -34.75 2.05 17.67
C LYS B 24 -34.82 3.07 16.55
N GLY B 25 -35.39 2.69 15.41
CA GLY B 25 -35.45 3.57 14.25
C GLY B 25 -34.17 3.63 13.43
N TYR B 26 -33.25 2.70 13.67
CA TYR B 26 -32.03 2.61 12.87
C TYR B 26 -32.34 2.09 11.47
N TRP B 27 -33.02 0.95 11.40
CA TRP B 27 -33.45 0.36 10.14
C TRP B 27 -34.88 0.84 9.85
N ILE B 28 -35.06 1.56 8.75
CA ILE B 28 -36.36 2.11 8.38
C ILE B 28 -36.94 1.42 7.16
N ASP B 29 -36.25 0.36 6.72
CA ASP B 29 -36.69 -0.49 5.61
C ASP B 29 -36.99 0.24 4.31
N GLN B 30 -36.15 1.25 4.00
CA GLN B 30 -36.21 1.96 2.74
C GLN B 30 -35.00 1.61 1.89
N PRO B 31 -35.16 1.59 0.55
CA PRO B 31 -33.98 1.33 -0.28
C PRO B 31 -33.02 2.52 -0.22
N LEU B 32 -31.75 2.31 -0.55
CA LEU B 32 -30.77 3.40 -0.57
C LEU B 32 -31.14 4.54 -1.54
N THR B 33 -31.95 4.22 -2.53
CA THR B 33 -32.50 5.21 -3.47
C THR B 33 -33.36 6.28 -2.77
N ARG B 34 -33.77 6.01 -1.53
CA ARG B 34 -34.46 6.99 -0.67
C ARG B 34 -33.78 8.38 -0.70
N ILE B 35 -32.45 8.36 -0.71
CA ILE B 35 -31.65 9.58 -0.77
C ILE B 35 -32.05 10.47 -1.96
N LEU B 36 -32.20 9.86 -3.14
CA LEU B 36 -32.63 10.59 -4.33
C LEU B 36 -34.11 10.91 -4.34
N THR B 37 -34.94 9.93 -3.98
CA THR B 37 -36.38 10.13 -3.91
C THR B 37 -36.72 11.35 -3.05
N VAL B 38 -36.29 11.34 -1.80
CA VAL B 38 -36.53 12.46 -0.87
C VAL B 38 -35.95 13.77 -1.38
N GLY B 39 -34.72 13.72 -1.91
CA GLY B 39 -34.03 14.91 -2.43
C GLY B 39 -34.75 15.58 -3.59
N VAL B 40 -35.30 14.79 -4.50
CA VAL B 40 -36.05 15.30 -5.64
C VAL B 40 -37.33 16.02 -5.19
N GLN B 41 -37.99 15.47 -4.18
CA GLN B 41 -39.21 16.04 -3.60
C GLN B 41 -38.94 17.34 -2.85
N SER B 42 -37.79 17.42 -2.18
CA SER B 42 -37.50 18.55 -1.29
C SER B 42 -36.76 19.71 -1.91
N HIS B 43 -35.88 19.42 -2.88
CA HIS B 43 -35.02 20.45 -3.48
C HIS B 43 -34.46 19.96 -4.81
N PRO B 44 -35.34 19.69 -5.79
CA PRO B 44 -34.91 19.07 -7.06
C PRO B 44 -33.81 19.84 -7.80
N HIS B 45 -33.74 21.15 -7.59
CA HIS B 45 -32.85 21.99 -8.40
C HIS B 45 -31.53 22.37 -7.73
N SER B 46 -31.41 22.05 -6.44
CA SER B 46 -30.12 22.11 -5.75
C SER B 46 -29.10 21.25 -6.49
N LEU B 47 -27.85 21.68 -6.45
CA LEU B 47 -26.74 20.92 -7.03
C LEU B 47 -26.41 19.71 -6.18
N ALA B 48 -26.31 18.55 -6.82
CA ALA B 48 -25.97 17.29 -6.16
C ALA B 48 -24.50 16.92 -6.39
N ILE B 49 -24.04 17.05 -7.64
CA ILE B 49 -22.68 16.67 -8.00
C ILE B 49 -22.03 17.72 -8.91
N ILE B 50 -20.83 18.17 -8.55
CA ILE B 50 -20.01 18.96 -9.46
C ILE B 50 -18.81 18.11 -9.88
N CYS B 51 -18.67 17.92 -11.19
CA CYS B 51 -17.60 17.13 -11.75
C CYS B 51 -16.95 17.84 -12.93
N GLY B 52 -15.83 18.52 -12.65
CA GLY B 52 -15.13 19.34 -13.65
C GLY B 52 -16.01 20.49 -14.12
N GLU B 53 -16.49 20.37 -15.35
CA GLU B 53 -17.41 21.36 -15.95
C GLU B 53 -18.89 21.00 -15.76
N ARG B 54 -19.17 19.74 -15.47
CA ARG B 54 -20.56 19.29 -15.29
C ARG B 54 -21.07 19.64 -13.90
N GLN B 55 -22.32 20.11 -13.84
CA GLN B 55 -23.02 20.36 -12.59
C GLN B 55 -24.38 19.69 -12.66
N LEU B 56 -24.61 18.71 -11.79
CA LEU B 56 -25.86 17.93 -11.80
C LEU B 56 -26.71 18.24 -10.59
N SER B 57 -27.96 18.61 -10.83
CA SER B 57 -28.94 18.81 -9.77
C SER B 57 -29.49 17.46 -9.30
N TYR B 58 -30.20 17.48 -8.17
CA TYR B 58 -30.86 16.27 -7.66
C TYR B 58 -31.81 15.62 -8.66
N ILE B 59 -32.64 16.43 -9.32
CA ILE B 59 -33.58 15.90 -10.31
C ILE B 59 -32.88 15.29 -11.54
N GLU B 60 -31.79 15.92 -11.99
CA GLU B 60 -30.99 15.37 -13.11
C GLU B 60 -30.34 14.05 -12.71
N LEU B 61 -29.73 14.01 -11.52
CA LEU B 61 -29.13 12.78 -11.00
C LEU B 61 -30.16 11.65 -10.94
N ASP B 62 -31.37 12.00 -10.47
CA ASP B 62 -32.47 11.05 -10.39
C ASP B 62 -32.91 10.58 -11.78
N ARG B 63 -33.09 11.54 -12.68
CA ARG B 63 -33.54 11.25 -14.04
C ARG B 63 -32.54 10.35 -14.77
N LEU B 64 -31.26 10.73 -14.71
CA LEU B 64 -30.20 10.00 -15.40
C LEU B 64 -29.99 8.59 -14.86
N SER B 65 -30.04 8.41 -13.54
CA SER B 65 -29.92 7.06 -12.95
C SER B 65 -31.17 6.22 -13.27
N THR B 66 -32.35 6.85 -13.28
CA THR B 66 -33.55 6.17 -13.76
C THR B 66 -33.39 5.71 -15.22
N ASN B 67 -32.95 6.63 -16.09
CA ASN B 67 -32.69 6.27 -17.51
C ASN B 67 -31.90 4.98 -17.61
N LEU B 68 -30.73 4.95 -16.97
CA LEU B 68 -29.86 3.79 -17.03
C LEU B 68 -30.51 2.53 -16.47
N ALA B 69 -31.19 2.64 -15.33
CA ALA B 69 -31.94 1.49 -14.80
C ALA B 69 -32.97 0.94 -15.81
N THR B 70 -33.72 1.82 -16.48
CA THR B 70 -34.72 1.34 -17.45
C THR B 70 -34.07 0.57 -18.59
N ARG B 71 -32.88 1.01 -19.02
CA ARG B 71 -32.14 0.35 -20.11
C ARG B 71 -31.64 -1.02 -19.71
N LEU B 72 -31.21 -1.16 -18.45
CA LEU B 72 -30.72 -2.43 -17.93
C LEU B 72 -31.87 -3.43 -17.72
N ALA B 73 -32.98 -2.93 -17.19
CA ALA B 73 -34.21 -3.72 -17.03
C ALA B 73 -34.66 -4.25 -18.39
N GLU B 74 -34.70 -3.35 -19.37
CA GLU B 74 -35.08 -3.69 -20.74
C GLU B 74 -34.24 -4.85 -21.29
N LYS B 75 -32.99 -4.94 -20.84
CA LYS B 75 -32.12 -6.04 -21.25
C LYS B 75 -32.15 -7.27 -20.31
N GLY B 76 -33.13 -7.31 -19.41
CA GLY B 76 -33.32 -8.46 -18.53
C GLY B 76 -32.38 -8.50 -17.33
N LEU B 77 -31.70 -7.39 -17.05
CA LEU B 77 -30.85 -7.36 -15.86
C LEU B 77 -31.62 -6.84 -14.67
N GLY B 78 -31.69 -7.64 -13.61
CA GLY B 78 -32.46 -7.27 -12.43
C GLY B 78 -32.13 -8.10 -11.20
N LYS B 79 -33.14 -8.38 -10.40
CA LYS B 79 -32.96 -9.03 -9.10
C LYS B 79 -32.32 -10.40 -9.25
N GLY B 80 -31.32 -10.67 -8.42
CA GLY B 80 -30.55 -11.90 -8.50
C GLY B 80 -29.33 -11.81 -9.40
N ASP B 81 -29.24 -10.72 -10.18
CA ASP B 81 -28.06 -10.43 -11.02
C ASP B 81 -27.07 -9.50 -10.33
N THR B 82 -25.81 -9.58 -10.77
CA THR B 82 -24.73 -8.75 -10.25
C THR B 82 -24.06 -7.94 -11.36
N ALA B 83 -23.30 -6.93 -10.95
CA ALA B 83 -22.54 -6.06 -11.83
C ALA B 83 -21.19 -5.75 -11.20
N LEU B 84 -20.16 -5.65 -12.04
CA LEU B 84 -18.86 -5.14 -11.63
C LEU B 84 -18.65 -3.77 -12.26
N VAL B 85 -18.40 -2.76 -11.44
CA VAL B 85 -18.19 -1.40 -11.92
C VAL B 85 -16.78 -0.93 -11.51
N GLN B 86 -16.04 -0.38 -12.48
CA GLN B 86 -14.75 0.25 -12.20
C GLN B 86 -14.68 1.60 -12.90
N LEU B 87 -14.92 2.65 -12.15
CA LEU B 87 -14.94 4.00 -12.71
C LEU B 87 -14.05 4.93 -11.90
N PRO B 88 -13.47 5.96 -12.55
CA PRO B 88 -12.68 6.94 -11.77
C PRO B 88 -13.61 7.86 -10.98
N ASN B 89 -13.05 8.90 -10.35
CA ASN B 89 -13.85 9.79 -9.54
C ASN B 89 -14.59 10.82 -10.39
N VAL B 90 -15.66 10.35 -11.04
CA VAL B 90 -16.45 11.17 -11.95
C VAL B 90 -17.94 11.06 -11.60
N ALA B 91 -18.75 12.03 -12.08
CA ALA B 91 -20.19 12.03 -11.77
C ALA B 91 -20.86 10.71 -12.12
N GLU B 92 -20.44 10.10 -13.23
CA GLU B 92 -21.00 8.82 -13.67
C GLU B 92 -20.89 7.70 -12.64
N PHE B 93 -19.93 7.79 -11.72
CA PHE B 93 -19.86 6.77 -10.67
C PHE B 93 -21.18 6.71 -9.88
N TYR B 94 -21.68 7.87 -9.47
CA TYR B 94 -22.90 7.94 -8.68
C TYR B 94 -24.16 7.68 -9.49
N ILE B 95 -24.15 8.11 -10.76
CA ILE B 95 -25.27 7.83 -11.65
C ILE B 95 -25.45 6.32 -11.79
N VAL B 96 -24.35 5.61 -12.01
CA VAL B 96 -24.33 4.17 -12.14
C VAL B 96 -24.70 3.48 -10.81
N PHE B 97 -24.14 3.95 -9.70
CA PHE B 97 -24.44 3.36 -8.40
C PHE B 97 -25.96 3.40 -8.14
N PHE B 98 -26.56 4.58 -8.29
CA PHE B 98 -28.02 4.71 -8.11
C PHE B 98 -28.86 3.95 -9.13
N ALA B 99 -28.42 3.89 -10.39
CA ALA B 99 -29.14 3.12 -11.41
C ALA B 99 -29.21 1.65 -11.04
N LEU B 100 -28.11 1.10 -10.53
CA LEU B 100 -28.07 -0.32 -10.17
C LEU B 100 -28.89 -0.63 -8.92
N LEU B 101 -28.79 0.27 -7.93
CA LEU B 101 -29.67 0.23 -6.75
C LEU B 101 -31.16 0.26 -7.15
N LYS B 102 -31.52 1.11 -8.10
CA LYS B 102 -32.90 1.21 -8.60
C LYS B 102 -33.34 -0.04 -9.36
N ALA B 103 -32.42 -0.61 -10.14
CA ALA B 103 -32.71 -1.77 -10.96
C ALA B 103 -32.73 -3.09 -10.18
N GLY B 104 -32.21 -3.07 -8.95
CA GLY B 104 -32.12 -4.27 -8.12
C GLY B 104 -30.94 -5.18 -8.47
N VAL B 105 -29.90 -4.61 -9.07
CA VAL B 105 -28.71 -5.38 -9.44
C VAL B 105 -27.66 -5.17 -8.34
N VAL B 106 -27.14 -6.25 -7.77
CA VAL B 106 -26.15 -6.12 -6.69
C VAL B 106 -24.80 -5.75 -7.29
N VAL B 107 -24.26 -4.61 -6.88
CA VAL B 107 -23.04 -4.08 -7.52
C VAL B 107 -21.80 -4.25 -6.65
N LEU B 108 -20.68 -4.64 -7.26
CA LEU B 108 -19.38 -4.54 -6.62
C LEU B 108 -18.64 -3.42 -7.36
N ASN B 109 -18.27 -2.37 -6.62
CA ASN B 109 -17.47 -1.29 -7.16
C ASN B 109 -16.01 -1.59 -6.89
N ALA B 110 -15.25 -1.89 -7.94
CA ALA B 110 -13.81 -2.08 -7.79
C ALA B 110 -13.15 -0.70 -7.67
N LEU B 111 -12.01 -0.63 -7.00
CA LEU B 111 -11.21 0.58 -7.00
C LEU B 111 -10.64 0.77 -8.40
N TYR B 112 -10.55 2.03 -8.82
CA TYR B 112 -9.99 2.36 -10.11
C TYR B 112 -8.53 1.90 -10.19
N SER B 113 -7.84 1.86 -9.05
CA SER B 113 -6.46 1.34 -8.98
C SER B 113 -6.35 -0.19 -9.07
N HIS B 114 -7.46 -0.91 -9.01
CA HIS B 114 -7.42 -2.37 -9.17
C HIS B 114 -7.04 -2.77 -10.59
N ARG B 115 -6.37 -3.91 -10.72
CA ARG B 115 -5.88 -4.40 -12.00
C ARG B 115 -6.57 -5.73 -12.38
N GLN B 116 -6.06 -6.37 -13.44
CA GLN B 116 -6.63 -7.63 -13.96
C GLN B 116 -6.77 -8.71 -12.89
N TYR B 117 -5.75 -8.84 -12.06
CA TYR B 117 -5.77 -9.85 -11.02
C TYR B 117 -6.98 -9.69 -10.08
N GLU B 118 -7.24 -8.47 -9.63
CA GLU B 118 -8.38 -8.23 -8.73
C GLU B 118 -9.71 -8.36 -9.47
N LEU B 119 -9.81 -7.73 -10.64
CA LEU B 119 -11.01 -7.82 -11.46
C LEU B 119 -11.37 -9.28 -11.77
N ASN B 120 -10.39 -10.08 -12.19
CA ASN B 120 -10.63 -11.52 -12.41
C ASN B 120 -11.20 -12.23 -11.20
N ALA B 121 -10.57 -12.01 -10.04
CA ALA B 121 -11.08 -12.60 -8.78
C ALA B 121 -12.53 -12.15 -8.47
N PHE B 122 -12.83 -10.86 -8.65
CA PHE B 122 -14.18 -10.37 -8.39
C PHE B 122 -15.19 -10.99 -9.35
N ILE B 123 -14.82 -11.07 -10.62
CA ILE B 123 -15.66 -11.67 -11.65
C ILE B 123 -15.97 -13.14 -11.34
N LYS B 124 -14.96 -13.91 -10.93
CA LYS B 124 -15.18 -15.31 -10.55
C LYS B 124 -16.14 -15.44 -9.38
N GLN B 125 -16.01 -14.57 -8.39
CA GLN B 125 -16.88 -14.62 -7.21
C GLN B 125 -18.36 -14.29 -7.48
N ILE B 126 -18.63 -13.25 -8.26
CA ILE B 126 -20.02 -12.76 -8.39
C ILE B 126 -20.69 -13.06 -9.73
N GLN B 127 -19.88 -13.50 -10.70
CA GLN B 127 -20.36 -13.81 -12.07
C GLN B 127 -21.29 -12.73 -12.61
N PRO B 128 -20.76 -11.51 -12.82
CA PRO B 128 -21.60 -10.40 -13.20
C PRO B 128 -22.06 -10.51 -14.64
N LYS B 129 -23.31 -10.11 -14.87
CA LYS B 129 -23.91 -10.01 -16.20
C LYS B 129 -23.69 -8.63 -16.81
N LEU B 130 -23.29 -7.67 -15.97
CA LEU B 130 -22.95 -6.33 -16.40
C LEU B 130 -21.53 -5.95 -15.92
N LEU B 131 -20.71 -5.48 -16.84
CA LEU B 131 -19.42 -4.90 -16.51
C LEU B 131 -19.41 -3.47 -17.02
N ILE B 132 -19.07 -2.53 -16.15
CA ILE B 132 -18.91 -1.14 -16.53
C ILE B 132 -17.49 -0.71 -16.20
N GLY B 133 -16.77 -0.24 -17.21
CA GLY B 133 -15.39 0.21 -17.05
C GLY B 133 -15.09 1.43 -17.88
N SER B 134 -13.81 1.82 -17.94
CA SER B 134 -13.34 2.95 -18.74
C SER B 134 -12.20 2.56 -19.67
N ARG B 135 -12.28 3.04 -20.91
CA ARG B 135 -11.25 2.76 -21.92
C ARG B 135 -9.91 3.44 -21.61
N GLN B 136 -9.92 4.42 -20.70
CA GLN B 136 -8.70 5.05 -20.22
C GLN B 136 -7.92 4.17 -19.23
N HIS B 137 -8.59 3.18 -18.66
CA HIS B 137 -7.96 2.29 -17.69
C HIS B 137 -7.09 1.26 -18.41
N GLU B 138 -5.91 1.01 -17.84
CA GLU B 138 -4.94 0.06 -18.38
C GLU B 138 -5.57 -1.29 -18.77
N VAL B 139 -6.43 -1.82 -17.92
CA VAL B 139 -7.06 -3.13 -18.18
C VAL B 139 -7.94 -3.12 -19.44
N PHE B 140 -8.47 -1.95 -19.79
CA PHE B 140 -9.33 -1.83 -20.98
C PHE B 140 -8.68 -1.08 -22.14
N SER B 141 -7.35 -0.96 -22.10
CA SER B 141 -6.53 -0.35 -23.15
C SER B 141 -6.69 -1.08 -24.47
N ASN B 142 -6.94 -2.37 -24.36
CA ASN B 142 -7.22 -3.24 -25.49
C ASN B 142 -8.28 -4.22 -25.02
N ASN B 143 -8.48 -5.30 -25.77
CA ASN B 143 -9.54 -6.26 -25.48
C ASN B 143 -9.07 -7.57 -24.87
N GLN B 144 -7.79 -7.67 -24.55
CA GLN B 144 -7.23 -8.93 -24.04
C GLN B 144 -7.96 -9.44 -22.80
N PHE B 145 -8.11 -8.58 -21.79
CA PHE B 145 -8.87 -8.96 -20.58
C PHE B 145 -10.31 -9.41 -20.90
N ILE B 146 -11.07 -8.55 -21.56
CA ILE B 146 -12.45 -8.88 -21.96
C ILE B 146 -12.50 -10.20 -22.73
N ASP B 147 -11.63 -10.34 -23.72
CA ASP B 147 -11.57 -11.57 -24.53
C ASP B 147 -11.29 -12.82 -23.70
N SER B 148 -10.42 -12.69 -22.71
CA SER B 148 -10.03 -13.83 -21.86
C SER B 148 -11.18 -14.36 -21.00
N LEU B 149 -12.19 -13.52 -20.76
CA LEU B 149 -13.36 -13.93 -19.98
C LEU B 149 -14.21 -14.94 -20.73
N HIS B 150 -14.26 -14.80 -22.05
CA HIS B 150 -14.93 -15.79 -22.92
C HIS B 150 -14.36 -17.18 -22.71
N ASP B 151 -13.03 -17.27 -22.67
CA ASP B 151 -12.32 -18.55 -22.48
C ASP B 151 -12.76 -19.30 -21.22
N VAL B 152 -13.01 -18.57 -20.14
CA VAL B 152 -13.42 -19.18 -18.88
C VAL B 152 -14.92 -19.15 -18.63
N ASN B 153 -15.68 -18.85 -19.69
CA ASN B 153 -17.16 -18.82 -19.64
CA ASN B 153 -17.15 -18.80 -19.65
C ASN B 153 -17.71 -17.79 -18.64
N LEU B 154 -17.05 -16.64 -18.53
CA LEU B 154 -17.47 -15.60 -17.57
C LEU B 154 -17.71 -14.24 -18.22
N SER B 155 -18.01 -14.26 -19.51
CA SER B 155 -18.38 -13.04 -20.24
C SER B 155 -19.65 -12.45 -19.65
N PRO B 156 -19.64 -11.14 -19.36
CA PRO B 156 -20.90 -10.48 -19.02
C PRO B 156 -21.79 -10.37 -20.27
N GLU B 157 -23.10 -10.24 -20.08
CA GLU B 157 -24.00 -10.07 -21.21
C GLU B 157 -23.88 -8.66 -21.78
N ILE B 158 -23.57 -7.69 -20.91
CA ILE B 158 -23.50 -6.29 -21.28
C ILE B 158 -22.21 -5.68 -20.75
N ILE B 159 -21.49 -5.01 -21.63
CA ILE B 159 -20.31 -4.24 -21.25
C ILE B 159 -20.53 -2.80 -21.70
N LEU B 160 -20.46 -1.87 -20.74
CA LEU B 160 -20.56 -0.44 -21.03
C LEU B 160 -19.21 0.22 -20.76
N MET B 161 -18.81 1.16 -21.60
CA MET B 161 -17.53 1.84 -21.45
C MET B 161 -17.64 3.35 -21.40
N LEU B 162 -17.09 3.93 -20.33
CA LEU B 162 -16.75 5.33 -20.32
C LEU B 162 -15.62 5.53 -21.35
N ASN B 163 -15.54 6.71 -21.97
CA ASN B 163 -14.59 6.94 -23.08
C ASN B 163 -14.61 5.81 -24.12
N HIS B 164 -15.81 5.30 -24.40
CA HIS B 164 -16.05 4.28 -25.41
C HIS B 164 -15.33 4.56 -26.73
N GLN B 165 -14.78 3.49 -27.30
CA GLN B 165 -14.10 3.55 -28.60
C GLN B 165 -14.97 2.85 -29.62
N ALA B 166 -14.44 2.69 -30.84
CA ALA B 166 -15.19 2.26 -32.02
C ALA B 166 -16.43 1.35 -31.82
N THR B 167 -16.26 0.12 -31.34
CA THR B 167 -17.43 -0.76 -31.22
C THR B 167 -17.98 -0.96 -29.79
N ASP B 168 -17.65 -0.07 -28.86
CA ASP B 168 -18.19 -0.18 -27.50
C ASP B 168 -19.61 0.37 -27.39
N PHE B 169 -20.41 -0.17 -26.48
CA PHE B 169 -21.56 0.58 -25.97
C PHE B 169 -21.04 1.71 -25.08
N GLY B 170 -21.53 2.92 -25.32
CA GLY B 170 -21.09 4.08 -24.56
C GLY B 170 -21.88 4.18 -23.28
N LEU B 171 -21.17 4.27 -22.16
CA LEU B 171 -21.82 4.44 -20.87
C LEU B 171 -22.71 5.68 -20.84
N LEU B 172 -22.20 6.83 -21.29
CA LEU B 172 -23.02 8.04 -21.33
C LEU B 172 -24.25 7.87 -22.23
N ASP B 173 -24.10 7.07 -23.28
CA ASP B 173 -25.23 6.76 -24.15
C ASP B 173 -26.37 6.06 -23.41
N TRP B 174 -26.05 5.09 -22.56
CA TRP B 174 -27.09 4.34 -21.82
C TRP B 174 -27.68 5.14 -20.65
N ILE B 175 -26.98 6.20 -20.25
CA ILE B 175 -27.42 7.13 -19.23
C ILE B 175 -28.32 8.23 -19.82
N GLU B 176 -28.02 8.63 -21.06
CA GLU B 176 -28.61 9.83 -21.66
C GLU B 176 -30.14 9.76 -21.83
N THR B 177 -30.65 8.60 -22.22
CA THR B 177 -32.07 8.47 -22.52
C THR B 177 -32.67 7.20 -21.89
N PRO B 178 -33.95 7.28 -21.47
CA PRO B 178 -34.58 6.09 -20.89
C PRO B 178 -34.89 5.08 -21.98
N ALA B 179 -35.26 3.86 -21.57
CA ALA B 179 -35.62 2.81 -22.52
C ALA B 179 -36.95 3.12 -23.21
N GLU B 180 -37.11 2.62 -24.43
CA GLU B 180 -38.35 2.76 -25.20
C GLU B 180 -39.48 1.91 -24.59
N THR B 181 -39.14 0.67 -24.22
CA THR B 181 -40.09 -0.29 -23.65
C THR B 181 -40.14 -0.17 -22.13
N PHE B 182 -41.34 -0.14 -21.56
CA PHE B 182 -41.50 -0.27 -20.11
C PHE B 182 -41.23 -1.73 -19.74
N VAL B 183 -40.31 -1.91 -18.80
CA VAL B 183 -40.14 -3.18 -18.10
C VAL B 183 -40.19 -2.85 -16.61
N ASP B 184 -40.71 -3.78 -15.81
CA ASP B 184 -40.84 -3.56 -14.39
C ASP B 184 -39.49 -3.84 -13.70
N PHE B 185 -39.13 -2.96 -12.77
CA PHE B 185 -37.94 -3.14 -11.95
C PHE B 185 -38.16 -2.46 -10.61
N SER B 186 -37.44 -2.94 -9.60
CA SER B 186 -37.34 -2.26 -8.32
C SER B 186 -36.05 -2.69 -7.60
N SER B 187 -35.73 -1.98 -6.52
CA SER B 187 -34.60 -2.33 -5.67
C SER B 187 -34.76 -3.70 -5.03
N THR B 188 -33.65 -4.30 -4.65
CA THR B 188 -33.72 -5.45 -3.76
C THR B 188 -34.36 -4.97 -2.43
N PRO B 189 -35.02 -5.90 -1.69
CA PRO B 189 -35.64 -5.53 -0.41
C PRO B 189 -34.65 -4.92 0.57
N ALA B 190 -35.15 -4.03 1.42
CA ALA B 190 -34.31 -3.24 2.30
C ALA B 190 -33.44 -4.07 3.26
N ASP B 191 -33.92 -5.26 3.65
CA ASP B 191 -33.13 -6.14 4.53
C ASP B 191 -32.41 -7.24 3.76
N GLU B 192 -32.23 -7.04 2.45
CA GLU B 192 -31.42 -7.91 1.62
C GLU B 192 -30.25 -7.10 1.05
N VAL B 193 -29.34 -7.77 0.35
CA VAL B 193 -28.10 -7.13 -0.12
C VAL B 193 -28.37 -6.06 -1.16
N ALA B 194 -27.79 -4.89 -0.95
CA ALA B 194 -27.84 -3.83 -1.95
C ALA B 194 -26.57 -3.85 -2.81
N PHE B 195 -25.43 -4.05 -2.16
CA PHE B 195 -24.15 -4.07 -2.87
C PHE B 195 -23.04 -4.68 -2.03
N PHE B 196 -21.88 -4.90 -2.65
CA PHE B 196 -20.73 -5.39 -1.91
C PHE B 196 -19.72 -4.28 -1.65
N GLN B 197 -19.39 -4.10 -0.38
CA GLN B 197 -18.21 -3.35 -0.01
C GLN B 197 -16.98 -4.27 -0.12
N LEU B 198 -15.79 -3.70 0.02
CA LEU B 198 -14.54 -4.48 -0.04
C LEU B 198 -13.72 -4.28 1.21
N SER B 199 -13.16 -5.36 1.74
CA SER B 199 -12.30 -5.26 2.92
C SER B 199 -10.99 -4.53 2.56
N GLY B 200 -10.43 -3.84 3.55
CA GLY B 200 -9.10 -3.21 3.43
C GLY B 200 -8.06 -3.98 4.23
N GLY B 201 -6.79 -3.86 3.84
CA GLY B 201 -5.70 -4.53 4.55
C GLY B 201 -5.47 -6.01 4.25
N SER B 202 -6.56 -6.79 4.08
CA SER B 202 -6.53 -8.24 3.75
C SER B 202 -5.32 -8.75 2.93
N THR B 203 -4.97 -10.05 3.06
CA THR B 203 -3.71 -10.54 2.46
C THR B 203 -3.78 -10.87 0.96
N GLY B 204 -4.83 -11.58 0.54
CA GLY B 204 -5.10 -11.77 -0.90
C GLY B 204 -5.85 -10.60 -1.52
N THR B 205 -6.75 -10.91 -2.46
CA THR B 205 -7.65 -9.90 -3.02
C THR B 205 -8.65 -9.46 -1.93
N PRO B 206 -9.13 -8.20 -1.99
CA PRO B 206 -10.15 -7.75 -1.02
C PRO B 206 -11.34 -8.72 -0.93
N LYS B 207 -11.79 -9.01 0.29
CA LYS B 207 -12.96 -9.87 0.51
C LYS B 207 -14.24 -9.07 0.34
N LEU B 208 -15.31 -9.73 -0.08
CA LEU B 208 -16.57 -9.04 -0.37
C LEU B 208 -17.46 -8.98 0.87
N ILE B 209 -17.96 -7.78 1.15
CA ILE B 209 -18.75 -7.52 2.35
C ILE B 209 -20.15 -7.15 1.90
N PRO B 210 -21.13 -8.09 2.05
CA PRO B 210 -22.50 -7.73 1.68
C PRO B 210 -23.02 -6.60 2.59
N ARG B 211 -23.62 -5.59 1.99
CA ARG B 211 -24.23 -4.51 2.76
C ARG B 211 -25.69 -4.43 2.32
N THR B 212 -26.59 -4.40 3.30
CA THR B 212 -28.03 -4.23 3.02
C THR B 212 -28.40 -2.75 2.94
N HIS B 213 -29.56 -2.43 2.35
CA HIS B 213 -30.04 -1.06 2.31
C HIS B 213 -30.23 -0.50 3.73
N ASN B 214 -30.86 -1.31 4.59
CA ASN B 214 -31.09 -0.90 5.97
C ASN B 214 -29.82 -0.46 6.68
N ASP B 215 -28.80 -1.33 6.68
CA ASP B 215 -27.61 -1.06 7.47
C ASP B 215 -26.80 0.09 6.91
N TYR B 216 -26.67 0.13 5.58
CA TYR B 216 -25.90 1.19 4.94
C TYR B 216 -26.57 2.55 5.04
N ASP B 217 -27.87 2.63 4.74
CA ASP B 217 -28.64 3.87 4.89
C ASP B 217 -28.59 4.38 6.32
N TYR B 218 -28.71 3.48 7.29
CA TYR B 218 -28.55 3.90 8.69
C TYR B 218 -27.21 4.60 8.95
N SER B 219 -26.10 3.93 8.58
CA SER B 219 -24.78 4.50 8.86
C SER B 219 -24.61 5.85 8.15
N VAL B 220 -25.20 5.97 6.96
CA VAL B 220 -25.20 7.22 6.20
C VAL B 220 -25.99 8.34 6.89
N ARG B 221 -27.24 8.03 7.29
CA ARG B 221 -28.11 9.03 7.94
C ARG B 221 -27.50 9.51 9.26
N ALA B 222 -27.05 8.57 10.08
CA ALA B 222 -26.48 8.88 11.40
C ALA B 222 -25.12 9.60 11.31
N SER B 223 -24.28 9.19 10.36
CA SER B 223 -23.02 9.91 10.05
C SER B 223 -23.24 11.34 9.59
N ALA B 224 -24.26 11.56 8.76
CA ALA B 224 -24.54 12.92 8.27
C ALA B 224 -24.90 13.86 9.42
N GLU B 225 -25.57 13.32 10.43
CA GLU B 225 -26.01 14.08 11.59
C GLU B 225 -24.84 14.37 12.53
N ILE B 226 -24.00 13.36 12.76
CA ILE B 226 -22.79 13.51 13.58
C ILE B 226 -21.85 14.59 13.03
N CYS B 227 -21.74 14.68 11.71
CA CYS B 227 -20.81 15.60 11.06
C CYS B 227 -21.43 16.97 10.72
N GLY B 228 -22.69 17.18 11.10
CA GLY B 228 -23.38 18.47 10.91
C GLY B 228 -23.65 18.84 9.47
N LEU B 229 -23.89 17.86 8.61
CA LEU B 229 -24.07 18.15 7.20
C LEU B 229 -25.42 18.85 6.97
N ASN B 230 -25.47 19.73 5.97
CA ASN B 230 -26.70 20.41 5.61
C ASN B 230 -26.66 20.73 4.13
N SER B 231 -27.66 21.47 3.63
CA SER B 231 -27.73 21.82 2.21
C SER B 231 -26.60 22.75 1.73
N ASN B 232 -25.85 23.34 2.66
CA ASN B 232 -24.71 24.20 2.29
C ASN B 232 -23.37 23.46 2.25
N THR B 233 -23.38 22.17 2.60
CA THR B 233 -22.18 21.34 2.56
C THR B 233 -21.75 21.09 1.13
N ARG B 234 -20.49 21.35 0.85
CA ARG B 234 -19.89 21.02 -0.43
C ARG B 234 -18.65 20.18 -0.13
N LEU B 235 -18.73 18.89 -0.42
CA LEU B 235 -17.73 17.93 0.04
C LEU B 235 -16.83 17.52 -1.09
N LEU B 236 -15.52 17.62 -0.86
CA LEU B 236 -14.52 17.17 -1.81
C LEU B 236 -14.42 15.64 -1.76
N CYS B 237 -14.60 15.02 -2.93
CA CYS B 237 -14.43 13.58 -3.11
CA CYS B 237 -14.42 13.59 -3.08
C CYS B 237 -13.11 13.30 -3.83
N ALA B 238 -12.01 13.35 -3.07
CA ALA B 238 -10.66 13.18 -3.61
C ALA B 238 -10.10 11.80 -3.32
N LEU B 239 -10.63 11.15 -2.28
CA LEU B 239 -10.35 9.73 -2.04
C LEU B 239 -11.13 8.89 -3.04
N PRO B 240 -10.76 7.61 -3.22
CA PRO B 240 -11.49 6.81 -4.21
C PRO B 240 -12.99 6.72 -3.87
N ALA B 241 -13.82 7.11 -4.83
CA ALA B 241 -15.28 7.13 -4.66
C ALA B 241 -15.95 5.87 -4.03
N PRO B 242 -15.48 4.64 -4.40
CA PRO B 242 -16.07 3.42 -3.83
C PRO B 242 -15.74 3.13 -2.39
N HIS B 243 -14.69 3.78 -1.86
CA HIS B 243 -14.21 3.40 -0.53
C HIS B 243 -15.24 3.79 0.51
N ASN B 244 -15.45 2.90 1.47
CA ASN B 244 -16.42 3.13 2.55
C ASN B 244 -16.36 4.54 3.18
N PHE B 245 -15.13 5.01 3.42
CA PHE B 245 -14.87 6.34 3.99
C PHE B 245 -15.47 7.45 3.13
N MET B 246 -15.14 7.41 1.84
CA MET B 246 -15.54 8.43 0.89
C MET B 246 -17.02 8.29 0.46
N LEU B 247 -17.58 7.11 0.64
CA LEU B 247 -18.94 6.82 0.19
C LEU B 247 -19.97 7.07 1.30
N SER B 248 -19.63 6.73 2.53
CA SER B 248 -20.65 6.68 3.57
C SER B 248 -20.28 7.26 4.92
N SER B 249 -19.06 7.79 5.07
CA SER B 249 -18.60 8.18 6.39
C SER B 249 -18.16 9.65 6.60
N PRO B 250 -19.06 10.64 6.38
CA PRO B 250 -20.44 10.52 5.88
C PRO B 250 -20.46 10.39 4.36
N GLY B 251 -19.37 10.81 3.72
CA GLY B 251 -19.17 10.57 2.29
C GLY B 251 -20.17 11.24 1.37
N ALA B 252 -20.13 10.83 0.12
CA ALA B 252 -21.03 11.30 -0.89
C ALA B 252 -22.49 11.00 -0.54
N LEU B 253 -22.77 9.81 -0.02
CA LEU B 253 -24.15 9.44 0.32
C LEU B 253 -24.71 10.30 1.47
N GLY B 254 -23.89 10.56 2.47
CA GLY B 254 -24.26 11.46 3.59
C GLY B 254 -24.55 12.88 3.13
N VAL B 255 -23.70 13.40 2.24
CA VAL B 255 -23.91 14.74 1.70
C VAL B 255 -25.22 14.83 0.89
N LEU B 256 -25.45 13.81 0.07
CA LEU B 256 -26.68 13.73 -0.72
C LEU B 256 -27.88 13.57 0.20
N HIS B 257 -27.73 12.78 1.27
CA HIS B 257 -28.79 12.62 2.26
C HIS B 257 -29.17 13.97 2.86
N ALA B 258 -28.17 14.83 3.05
CA ALA B 258 -28.37 16.10 3.71
C ALA B 258 -28.71 17.24 2.75
N GLY B 259 -28.83 16.94 1.47
CA GLY B 259 -29.18 17.96 0.48
C GLY B 259 -28.02 18.83 0.02
N GLY B 260 -26.79 18.43 0.36
CA GLY B 260 -25.59 19.16 -0.06
C GLY B 260 -25.11 18.77 -1.45
N CYS B 261 -23.85 19.12 -1.72
CA CYS B 261 -23.25 18.89 -3.03
C CYS B 261 -21.92 18.19 -2.89
N VAL B 262 -21.68 17.24 -3.79
CA VAL B 262 -20.42 16.52 -3.84
C VAL B 262 -19.54 17.14 -4.95
N VAL B 263 -18.27 17.40 -4.65
CA VAL B 263 -17.37 17.98 -5.64
C VAL B 263 -16.21 17.01 -5.95
N MET B 264 -16.16 16.49 -7.17
CA MET B 264 -15.21 15.45 -7.55
C MET B 264 -13.77 16.00 -7.75
N ALA B 265 -12.79 15.21 -7.31
CA ALA B 265 -11.39 15.44 -7.69
C ALA B 265 -10.79 14.10 -8.09
N PRO B 266 -9.83 14.10 -9.06
CA PRO B 266 -9.31 12.82 -9.52
C PRO B 266 -8.58 12.02 -8.42
N ASN B 267 -7.87 12.73 -7.53
CA ASN B 267 -7.11 12.16 -6.43
C ASN B 267 -6.76 13.28 -5.45
N PRO B 268 -6.06 12.97 -4.34
CA PRO B 268 -5.76 14.02 -3.36
C PRO B 268 -4.48 14.88 -3.59
N GLU B 269 -3.88 14.83 -4.79
CA GLU B 269 -2.71 15.71 -5.11
C GLU B 269 -3.09 17.15 -4.74
N PRO B 270 -2.26 17.80 -3.91
CA PRO B 270 -2.66 19.07 -3.31
C PRO B 270 -2.92 20.18 -4.31
N LEU B 271 -2.05 20.39 -5.29
CA LEU B 271 -2.24 21.56 -6.17
C LEU B 271 -3.55 21.45 -6.93
N ASN B 272 -3.81 20.29 -7.53
CA ASN B 272 -5.09 20.08 -8.22
C ASN B 272 -6.31 20.24 -7.30
N CYS B 273 -6.30 19.53 -6.17
CA CYS B 273 -7.36 19.67 -5.17
C CYS B 273 -7.60 21.11 -4.77
N PHE B 274 -6.51 21.81 -4.42
CA PHE B 274 -6.55 23.20 -3.97
C PHE B 274 -7.33 24.08 -4.92
N SER B 275 -7.05 23.89 -6.21
CA SER B 275 -7.71 24.63 -7.27
C SER B 275 -9.20 24.32 -7.37
N ILE B 276 -9.55 23.04 -7.17
CA ILE B 276 -10.95 22.62 -7.19
C ILE B 276 -11.66 23.18 -5.96
N ILE B 277 -11.01 23.07 -4.80
CA ILE B 277 -11.53 23.62 -3.55
C ILE B 277 -11.86 25.11 -3.70
N GLN B 278 -10.96 25.86 -4.34
CA GLN B 278 -11.16 27.30 -4.51
C GLN B 278 -12.31 27.60 -5.47
N ARG B 279 -12.32 26.91 -6.62
CA ARG B 279 -13.27 27.21 -7.67
C ARG B 279 -14.72 26.99 -7.21
N HIS B 280 -14.94 25.90 -6.48
CA HIS B 280 -16.31 25.50 -6.16
C HIS B 280 -16.65 25.74 -4.72
N GLN B 281 -15.73 26.38 -4.00
CA GLN B 281 -15.98 26.78 -2.61
C GLN B 281 -16.32 25.60 -1.69
N VAL B 282 -15.50 24.56 -1.79
CA VAL B 282 -15.60 23.36 -0.94
C VAL B 282 -15.39 23.73 0.52
N ASN B 283 -16.28 23.24 1.39
CA ASN B 283 -16.15 23.53 2.82
C ASN B 283 -15.92 22.29 3.69
N MET B 284 -15.81 21.13 3.05
CA MET B 284 -15.48 19.88 3.76
C MET B 284 -14.65 18.95 2.86
N ALA B 285 -13.69 18.27 3.45
CA ALA B 285 -12.92 17.27 2.71
C ALA B 285 -12.58 16.12 3.63
N SER B 286 -12.16 15.01 3.03
CA SER B 286 -11.87 13.78 3.77
C SER B 286 -10.57 13.21 3.23
N LEU B 287 -9.64 12.91 4.12
CA LEU B 287 -8.32 12.47 3.69
C LEU B 287 -7.74 11.39 4.59
N VAL B 288 -6.68 10.75 4.08
CA VAL B 288 -5.84 9.87 4.89
C VAL B 288 -4.57 10.65 5.27
N PRO B 289 -3.87 10.22 6.35
CA PRO B 289 -2.74 11.01 6.88
C PRO B 289 -1.66 11.35 5.86
N SER B 290 -1.34 10.41 4.97
CA SER B 290 -0.28 10.66 3.98
C SER B 290 -0.65 11.83 3.07
N ALA B 291 -1.94 11.97 2.74
CA ALA B 291 -2.43 13.05 1.90
C ALA B 291 -2.50 14.38 2.65
N VAL B 292 -2.86 14.31 3.94
CA VAL B 292 -2.84 15.48 4.82
C VAL B 292 -1.43 16.10 4.82
N ILE B 293 -0.40 15.26 4.90
CA ILE B 293 0.99 15.72 4.94
C ILE B 293 1.32 16.52 3.69
N MET B 294 0.89 16.02 2.53
CA MET B 294 1.05 16.72 1.25
C MET B 294 0.36 18.08 1.24
N TRP B 295 -0.84 18.14 1.85
CA TRP B 295 -1.59 19.39 1.91
C TRP B 295 -0.88 20.38 2.83
N LEU B 296 -0.35 19.88 3.93
CA LEU B 296 0.41 20.68 4.88
C LEU B 296 1.67 21.32 4.26
N GLU B 297 2.36 20.57 3.40
CA GLU B 297 3.55 21.06 2.70
C GLU B 297 3.28 22.21 1.74
N LYS B 298 2.13 22.16 1.05
CA LYS B 298 1.82 23.17 0.05
C LYS B 298 0.99 24.33 0.59
N ALA B 299 0.44 24.15 1.79
CA ALA B 299 -0.53 25.10 2.35
C ALA B 299 0.04 26.48 2.64
N ALA B 300 1.35 26.55 2.91
CA ALA B 300 2.03 27.82 3.18
C ALA B 300 1.78 28.81 2.05
N GLN B 301 2.09 28.38 0.82
CA GLN B 301 1.94 29.19 -0.37
C GLN B 301 0.49 29.35 -0.88
N TYR B 302 -0.38 28.42 -0.51
CA TYR B 302 -1.70 28.36 -1.13
C TYR B 302 -2.86 28.42 -0.14
N LYS B 303 -2.63 29.10 0.98
CA LYS B 303 -3.64 29.26 2.03
C LYS B 303 -4.98 29.79 1.52
N ASP B 304 -4.93 30.76 0.59
CA ASP B 304 -6.15 31.33 0.06
C ASP B 304 -6.97 30.32 -0.73
N GLN B 305 -6.31 29.46 -1.49
CA GLN B 305 -7.01 28.48 -2.28
C GLN B 305 -7.88 27.53 -1.45
N ILE B 306 -7.55 27.35 -0.17
CA ILE B 306 -8.32 26.45 0.67
C ILE B 306 -9.00 27.12 1.86
N GLN B 307 -9.16 28.44 1.80
CA GLN B 307 -9.76 29.17 2.92
C GLN B 307 -11.20 28.73 3.20
N SER B 308 -11.94 28.39 2.14
CA SER B 308 -13.33 27.92 2.27
C SER B 308 -13.54 26.64 3.10
N LEU B 309 -12.50 25.83 3.26
CA LEU B 309 -12.61 24.60 4.07
C LEU B 309 -13.06 24.92 5.49
N LYS B 310 -14.07 24.21 5.97
CA LYS B 310 -14.53 24.38 7.34
C LYS B 310 -14.26 23.16 8.20
N LEU B 311 -14.22 22.00 7.57
CA LEU B 311 -14.02 20.74 8.28
C LEU B 311 -13.22 19.74 7.43
N LEU B 312 -12.25 19.11 8.07
CA LEU B 312 -11.45 18.08 7.42
C LEU B 312 -11.53 16.82 8.24
N GLN B 313 -11.99 15.74 7.61
CA GLN B 313 -11.93 14.42 8.24
C GLN B 313 -10.60 13.76 7.95
N VAL B 314 -10.03 13.12 8.96
CA VAL B 314 -8.82 12.34 8.75
C VAL B 314 -9.02 10.93 9.26
N GLY B 315 -8.83 9.97 8.38
CA GLY B 315 -8.93 8.58 8.77
C GLY B 315 -7.85 7.72 8.19
N GLY B 316 -7.44 6.71 8.93
CA GLY B 316 -6.55 5.72 8.36
C GLY B 316 -5.45 5.26 9.27
N ALA B 317 -4.26 5.22 8.68
CA ALA B 317 -3.00 4.78 9.29
C ALA B 317 -2.72 5.31 10.71
N SER B 318 -1.61 6.04 10.83
CA SER B 318 -1.27 6.69 12.06
C SER B 318 -1.44 8.18 11.83
N PHE B 319 -2.13 8.83 12.77
CA PHE B 319 -2.27 10.27 12.73
C PHE B 319 -1.84 10.82 14.08
N PRO B 320 -0.51 11.00 14.28
CA PRO B 320 0.00 11.44 15.58
C PRO B 320 -0.49 12.84 15.98
N GLU B 321 -0.59 13.06 17.29
CA GLU B 321 -1.07 14.32 17.86
C GLU B 321 -0.41 15.57 17.27
N SER B 322 0.92 15.55 17.15
CA SER B 322 1.68 16.71 16.65
C SER B 322 1.30 17.06 15.21
N LEU B 323 0.94 16.03 14.44
CA LEU B 323 0.48 16.25 13.08
C LEU B 323 -0.98 16.75 13.07
N ALA B 324 -1.79 16.19 13.97
CA ALA B 324 -3.20 16.54 14.11
C ALA B 324 -3.37 18.01 14.50
N ARG B 325 -2.54 18.48 15.44
CA ARG B 325 -2.60 19.89 15.91
C ARG B 325 -2.27 20.89 14.81
N GLN B 326 -1.57 20.42 13.77
CA GLN B 326 -1.25 21.29 12.63
C GLN B 326 -2.43 21.58 11.70
N VAL B 327 -3.45 20.72 11.71
CA VAL B 327 -4.62 20.92 10.83
C VAL B 327 -5.33 22.28 11.02
N PRO B 328 -5.79 22.60 12.25
CA PRO B 328 -6.41 23.94 12.41
C PRO B 328 -5.44 25.10 12.25
N GLU B 329 -4.18 24.89 12.63
CA GLU B 329 -3.12 25.91 12.47
C GLU B 329 -2.79 26.20 11.01
N VAL B 330 -2.49 25.14 10.25
CA VAL B 330 -1.97 25.30 8.90
C VAL B 330 -3.07 25.32 7.84
N LEU B 331 -4.11 24.50 8.01
CA LEU B 331 -5.13 24.39 6.96
C LEU B 331 -6.33 25.29 7.23
N ASN B 332 -6.42 25.80 8.45
CA ASN B 332 -7.47 26.74 8.88
C ASN B 332 -8.88 26.17 8.82
N CYS B 333 -9.05 24.98 9.38
CA CYS B 333 -10.35 24.32 9.41
C CYS B 333 -10.45 23.46 10.65
N LYS B 334 -11.65 23.00 10.99
CA LYS B 334 -11.79 22.09 12.12
C LYS B 334 -11.35 20.69 11.70
N LEU B 335 -10.85 19.91 12.66
CA LEU B 335 -10.43 18.55 12.41
C LEU B 335 -11.43 17.57 13.00
N GLN B 336 -11.69 16.50 12.26
CA GLN B 336 -12.44 15.37 12.81
C GLN B 336 -11.68 14.08 12.50
N GLN B 337 -11.38 13.28 13.52
CA GLN B 337 -10.74 11.99 13.30
C GLN B 337 -11.78 10.92 13.10
N VAL B 338 -11.52 10.00 12.17
CA VAL B 338 -12.44 8.94 11.82
C VAL B 338 -11.66 7.63 11.81
N PHE B 339 -12.16 6.63 12.52
CA PHE B 339 -11.62 5.30 12.41
C PHE B 339 -12.76 4.34 12.14
N GLY B 340 -12.72 3.72 10.97
CA GLY B 340 -13.74 2.77 10.60
C GLY B 340 -13.24 1.62 9.76
N MET B 341 -14.18 0.79 9.33
CA MET B 341 -13.87 -0.35 8.50
C MET B 341 -15.05 -0.57 7.56
N ALA B 342 -14.78 -1.05 6.35
CA ALA B 342 -15.82 -1.39 5.39
C ALA B 342 -16.75 -2.49 5.91
N GLU B 343 -16.29 -3.26 6.89
CA GLU B 343 -17.09 -4.30 7.53
C GLU B 343 -18.24 -3.73 8.38
N GLY B 344 -18.12 -2.49 8.80
CA GLY B 344 -19.17 -1.87 9.60
C GLY B 344 -18.76 -0.67 10.43
N LEU B 345 -18.48 -0.93 11.70
CA LEU B 345 -18.21 0.09 12.71
C LEU B 345 -17.41 1.29 12.20
N VAL B 346 -17.96 2.49 12.42
CA VAL B 346 -17.21 3.72 12.20
C VAL B 346 -17.22 4.53 13.49
N ASN B 347 -16.06 5.09 13.84
CA ASN B 347 -15.92 6.02 14.96
C ASN B 347 -15.55 7.39 14.45
N TYR B 348 -16.14 8.41 15.07
CA TYR B 348 -15.90 9.81 14.78
C TYR B 348 -15.64 10.52 16.07
N THR B 349 -14.71 11.49 16.02
CA THR B 349 -14.66 12.49 17.08
C THR B 349 -15.84 13.43 16.80
N ARG B 350 -16.51 13.89 17.86
CA ARG B 350 -17.66 14.77 17.68
C ARG B 350 -17.21 16.22 17.49
N LEU B 351 -18.07 17.03 16.87
CA LEU B 351 -17.71 18.41 16.54
C LEU B 351 -17.58 19.29 17.78
N ASP B 352 -18.15 18.85 18.90
CA ASP B 352 -18.05 19.57 20.16
C ASP B 352 -17.18 18.82 21.19
N ASP B 353 -16.36 17.88 20.71
CA ASP B 353 -15.39 17.19 21.56
C ASP B 353 -14.27 18.17 21.97
N SER B 354 -13.59 17.87 23.07
CA SER B 354 -12.49 18.70 23.57
C SER B 354 -11.28 18.60 22.64
N ASP B 355 -10.36 19.55 22.78
CA ASP B 355 -9.10 19.54 22.05
C ASP B 355 -8.30 18.25 22.26
N GLU B 356 -8.21 17.76 23.50
CA GLU B 356 -7.51 16.51 23.75
C GLU B 356 -8.16 15.32 23.01
N GLN B 357 -9.48 15.25 23.06
CA GLN B 357 -10.24 14.23 22.32
C GLN B 357 -9.98 14.27 20.81
N ILE B 358 -10.10 15.45 20.22
CA ILE B 358 -9.95 15.63 18.77
C ILE B 358 -8.52 15.35 18.29
N PHE B 359 -7.52 15.76 19.08
CA PHE B 359 -6.13 15.64 18.63
C PHE B 359 -5.46 14.33 19.00
N THR B 360 -6.00 13.61 19.98
CA THR B 360 -5.34 12.39 20.46
C THR B 360 -6.19 11.11 20.37
N THR B 361 -7.45 11.23 19.98
CA THR B 361 -8.29 10.03 19.84
C THR B 361 -8.92 9.88 18.45
N GLN B 362 -9.41 8.68 18.15
CA GLN B 362 -10.09 8.40 16.89
C GLN B 362 -11.62 8.32 17.08
N GLY B 363 -12.10 8.91 18.17
CA GLY B 363 -13.53 9.13 18.39
C GLY B 363 -14.28 7.98 19.01
N ARG B 364 -15.59 7.95 18.79
CA ARG B 364 -16.46 6.91 19.36
C ARG B 364 -17.54 6.48 18.37
N PRO B 365 -18.15 5.30 18.60
CA PRO B 365 -19.05 4.74 17.57
C PRO B 365 -20.22 5.64 17.16
N ILE B 366 -20.66 5.45 15.92
CA ILE B 366 -21.90 6.04 15.43
C ILE B 366 -23.07 5.78 16.38
N SER B 367 -23.25 4.54 16.79
CA SER B 367 -24.48 4.12 17.44
C SER B 367 -24.31 3.76 18.92
N SER B 368 -25.30 4.10 19.74
CA SER B 368 -25.32 3.61 21.12
C SER B 368 -25.45 2.10 21.14
N ASP B 369 -25.88 1.51 20.02
CA ASP B 369 -25.97 0.06 19.94
C ASP B 369 -24.81 -0.60 19.18
N ASP B 370 -23.77 0.17 18.90
CA ASP B 370 -22.49 -0.41 18.51
C ASP B 370 -21.89 -1.01 19.78
N GLU B 371 -21.72 -2.33 19.79
CA GLU B 371 -21.20 -3.00 20.97
C GLU B 371 -19.74 -3.32 20.72
N ILE B 372 -18.92 -2.98 21.72
CA ILE B 372 -17.47 -3.05 21.62
C ILE B 372 -16.93 -3.94 22.73
N LYS B 373 -16.16 -4.96 22.37
CA LYS B 373 -15.32 -5.66 23.35
C LYS B 373 -13.85 -5.42 23.01
N ILE B 374 -13.07 -5.10 24.05
CA ILE B 374 -11.62 -4.96 23.95
C ILE B 374 -10.96 -6.06 24.78
N VAL B 375 -10.30 -7.00 24.11
CA VAL B 375 -9.92 -8.27 24.74
C VAL B 375 -8.44 -8.63 24.61
N ASP B 376 -7.98 -9.50 25.52
CA ASP B 376 -6.60 -10.00 25.52
C ASP B 376 -6.48 -11.29 24.71
N GLU B 377 -5.28 -11.90 24.72
CA GLU B 377 -5.01 -13.11 23.92
C GLU B 377 -5.82 -14.33 24.37
N GLN B 378 -6.43 -14.24 25.57
CA GLN B 378 -7.35 -15.27 26.05
C GLN B 378 -8.82 -14.90 25.78
N TYR B 379 -9.01 -13.80 25.03
CA TYR B 379 -10.35 -13.31 24.65
C TYR B 379 -11.20 -12.90 25.85
N ARG B 380 -10.54 -12.47 26.91
CA ARG B 380 -11.20 -11.89 28.08
C ARG B 380 -11.08 -10.38 28.00
N GLU B 381 -12.12 -9.68 28.45
CA GLU B 381 -12.15 -8.22 28.39
C GLU B 381 -11.09 -7.60 29.29
N VAL B 382 -10.28 -6.70 28.72
CA VAL B 382 -9.18 -6.08 29.45
C VAL B 382 -9.72 -5.12 30.50
N PRO B 383 -8.92 -4.81 31.53
CA PRO B 383 -9.35 -3.74 32.43
C PRO B 383 -9.51 -2.44 31.67
N GLU B 384 -10.48 -1.63 32.09
CA GLU B 384 -10.80 -0.36 31.43
C GLU B 384 -9.54 0.49 31.22
N GLY B 385 -9.30 0.91 29.98
CA GLY B 385 -8.19 1.81 29.68
C GLY B 385 -6.96 1.12 29.11
N GLU B 386 -6.93 -0.20 29.22
CA GLU B 386 -5.82 -1.01 28.71
C GLU B 386 -5.99 -1.37 27.23
N ILE B 387 -4.88 -1.80 26.61
CA ILE B 387 -4.85 -2.13 25.20
C ILE B 387 -5.29 -3.57 24.96
N GLY B 388 -6.18 -3.76 23.98
CA GLY B 388 -6.60 -5.09 23.56
C GLY B 388 -7.10 -5.12 22.12
N MET B 389 -7.58 -6.28 21.70
CA MET B 389 -8.10 -6.48 20.35
C MET B 389 -9.55 -6.03 20.28
N LEU B 390 -9.88 -5.30 19.22
CA LEU B 390 -11.25 -4.85 18.99
C LEU B 390 -12.12 -5.99 18.48
N ALA B 391 -13.25 -6.20 19.15
CA ALA B 391 -14.35 -7.04 18.62
C ALA B 391 -15.62 -6.19 18.70
N THR B 392 -16.46 -6.29 17.67
CA THR B 392 -17.64 -5.42 17.58
C THR B 392 -18.81 -6.09 16.83
N ARG B 393 -20.03 -5.67 17.21
CA ARG B 393 -21.25 -5.97 16.47
C ARG B 393 -22.18 -4.77 16.64
N GLY B 394 -23.10 -4.58 15.70
CA GLY B 394 -24.01 -3.44 15.76
C GLY B 394 -24.99 -3.40 14.61
N PRO B 395 -25.79 -2.32 14.52
CA PRO B 395 -26.82 -2.19 13.49
C PRO B 395 -26.33 -2.04 12.05
N TYR B 396 -25.03 -1.82 11.85
CA TYR B 396 -24.48 -1.68 10.49
C TYR B 396 -23.17 -2.44 10.32
N THR B 397 -22.85 -3.32 11.26
CA THR B 397 -21.71 -4.23 11.12
C THR B 397 -22.19 -5.57 10.56
N PHE B 398 -21.49 -6.04 9.52
CA PHE B 398 -21.87 -7.27 8.80
C PHE B 398 -21.78 -8.53 9.68
N CYS B 399 -22.31 -9.64 9.17
CA CYS B 399 -22.31 -10.88 9.92
C CYS B 399 -21.48 -11.98 9.24
N GLY B 400 -20.84 -11.65 8.12
CA GLY B 400 -19.89 -12.54 7.47
C GLY B 400 -19.59 -12.12 6.04
N TYR B 401 -18.38 -12.44 5.58
CA TYR B 401 -18.00 -12.19 4.20
C TYR B 401 -18.80 -13.09 3.27
N TYR B 402 -18.99 -12.62 2.04
CA TYR B 402 -19.70 -13.36 1.00
C TYR B 402 -19.05 -14.72 0.71
N GLN B 403 -19.84 -15.79 0.79
CA GLN B 403 -19.40 -17.13 0.43
C GLN B 403 -18.08 -17.50 1.07
N SER B 404 -17.90 -17.19 2.36
CA SER B 404 -16.62 -17.43 3.03
C SER B 404 -16.79 -18.07 4.41
N PRO B 405 -17.48 -19.24 4.48
CA PRO B 405 -17.78 -19.81 5.79
C PRO B 405 -16.54 -20.11 6.63
N GLU B 406 -15.45 -20.55 6.00
CA GLU B 406 -14.23 -20.91 6.74
C GLU B 406 -13.56 -19.69 7.39
N HIS B 407 -13.32 -18.66 6.58
CA HIS B 407 -12.79 -17.39 7.13
C HIS B 407 -13.74 -16.77 8.14
N ASN B 408 -15.05 -16.84 7.89
CA ASN B 408 -16.05 -16.27 8.81
C ASN B 408 -15.96 -16.87 10.21
N SER B 409 -15.76 -18.18 10.31
CA SER B 409 -15.62 -18.83 11.62
C SER B 409 -14.32 -18.45 12.33
N GLN B 410 -13.35 -17.90 11.59
CA GLN B 410 -12.10 -17.42 12.17
C GLN B 410 -12.20 -16.01 12.75
N VAL B 411 -13.15 -15.20 12.27
CA VAL B 411 -13.17 -13.77 12.63
C VAL B 411 -14.42 -13.31 13.42
N PHE B 412 -15.36 -14.22 13.64
CA PHE B 412 -16.54 -13.98 14.47
C PHE B 412 -16.57 -14.94 15.66
N ASP B 413 -16.89 -14.44 16.86
CA ASP B 413 -17.10 -15.37 17.99
C ASP B 413 -18.55 -15.89 18.01
N GLU B 414 -18.85 -16.74 19.00
CA GLU B 414 -20.17 -17.36 19.13
C GLU B 414 -21.30 -16.33 19.26
N ASP B 415 -21.00 -15.18 19.86
CA ASP B 415 -21.96 -14.07 19.99
C ASP B 415 -22.02 -13.16 18.75
N ASN B 416 -21.38 -13.58 17.67
CA ASN B 416 -21.34 -12.83 16.40
C ASN B 416 -20.64 -11.46 16.47
N TYR B 417 -19.73 -11.30 17.41
CA TYR B 417 -18.82 -10.15 17.42
C TYR B 417 -17.78 -10.36 16.32
N TYR B 418 -17.47 -9.30 15.59
CA TYR B 418 -16.44 -9.35 14.54
C TYR B 418 -15.12 -8.83 15.09
N TYR B 419 -14.05 -9.61 14.88
CA TYR B 419 -12.69 -9.26 15.33
C TYR B 419 -11.92 -8.61 14.18
N SER B 420 -11.76 -7.30 14.27
CA SER B 420 -11.24 -6.48 13.19
C SER B 420 -9.73 -6.54 13.01
N GLY B 421 -9.04 -7.09 14.00
CA GLY B 421 -7.59 -7.11 13.99
C GLY B 421 -6.95 -5.80 14.42
N ASP B 422 -7.74 -4.86 14.95
CA ASP B 422 -7.18 -3.61 15.47
C ASP B 422 -6.89 -3.70 16.95
N LEU B 423 -5.79 -3.07 17.36
CA LEU B 423 -5.46 -2.88 18.77
C LEU B 423 -5.85 -1.47 19.18
N VAL B 424 -6.65 -1.39 20.24
CA VAL B 424 -7.26 -0.14 20.68
C VAL B 424 -7.29 -0.06 22.21
N GLN B 425 -7.55 1.15 22.71
CA GLN B 425 -7.80 1.36 24.12
C GLN B 425 -8.91 2.40 24.26
N ARG B 426 -9.81 2.20 25.22
CA ARG B 426 -10.82 3.20 25.50
C ARG B 426 -10.25 4.22 26.48
N THR B 427 -10.37 5.49 26.14
CA THR B 427 -9.87 6.58 26.99
C THR B 427 -10.94 6.92 28.05
N PRO B 428 -10.52 7.48 29.21
CA PRO B 428 -11.50 7.80 30.26
C PRO B 428 -12.69 8.63 29.77
N ASP B 429 -12.44 9.53 28.82
CA ASP B 429 -13.49 10.35 28.18
C ASP B 429 -14.53 9.58 27.36
N GLY B 430 -14.31 8.29 27.13
CA GLY B 430 -15.24 7.46 26.32
C GLY B 430 -14.81 7.14 24.89
N ASN B 431 -13.83 7.88 24.37
CA ASN B 431 -13.37 7.66 23.00
C ASN B 431 -12.42 6.47 22.87
N LEU B 432 -12.07 6.14 21.62
CA LEU B 432 -11.13 5.07 21.31
C LEU B 432 -9.82 5.62 20.76
N ARG B 433 -8.72 4.99 21.17
CA ARG B 433 -7.43 5.24 20.57
C ARG B 433 -6.96 3.95 19.92
N VAL B 434 -6.80 4.00 18.59
CA VAL B 434 -6.24 2.89 17.83
C VAL B 434 -4.73 2.96 17.99
N VAL B 435 -4.14 1.89 18.50
CA VAL B 435 -2.71 1.89 18.81
C VAL B 435 -1.91 0.94 17.93
N GLY B 436 -2.60 0.06 17.23
CA GLY B 436 -1.93 -0.89 16.36
C GLY B 436 -2.80 -1.89 15.66
N ARG B 437 -2.15 -2.94 15.19
CA ARG B 437 -2.73 -3.92 14.32
C ARG B 437 -2.22 -5.27 14.78
N ILE B 438 -3.10 -6.26 14.82
CA ILE B 438 -2.72 -7.63 15.14
C ILE B 438 -3.15 -8.55 14.00
N LYS B 439 -2.27 -9.47 13.62
CA LYS B 439 -2.45 -10.28 12.41
C LYS B 439 -3.21 -11.59 12.67
N ASP B 440 -4.53 -11.55 12.44
CA ASP B 440 -5.50 -12.65 12.60
C ASP B 440 -5.06 -13.90 13.38
C1 HTJ C . 14.95 -7.66 4.77
C2 HTJ C . 13.89 -8.56 4.68
C3 HTJ C . 12.57 -8.09 4.76
C4 HTJ C . 12.39 -6.70 4.94
C5 HTJ C . 13.50 -5.84 5.01
N6 HTJ C . 14.75 -6.34 4.94
C7 HTJ C . 11.37 -9.05 4.68
N8 HTJ C . 10.23 -8.29 5.20
C9 HTJ C . 9.43 -7.42 4.60
C10 HTJ C . 8.60 -6.93 5.60
C11 HTJ C . 8.95 -7.53 6.87
N12 HTJ C . 9.98 -8.36 6.59
N13 HTJ C . 9.31 -7.03 3.32
C14 HTJ C . 8.39 -6.13 2.94
C15 HTJ C . 7.51 -5.61 3.89
C16 HTJ C . 7.61 -6.01 5.23
C18 HTJ C . 6.67 -5.43 6.26
O19 HTJ C . 5.62 -4.88 5.89
O20 HTJ C . 6.94 -5.50 7.48
C21 HTJ C . 8.35 -5.77 1.49
C22 HTJ C . 9.39 -6.18 0.65
C23 HTJ C . 9.37 -5.84 -0.70
C24 HTJ C . 8.31 -5.11 -1.22
C25 HTJ C . 7.27 -4.69 -0.40
C26 HTJ C . 7.28 -5.03 0.97
CA CA D . 3.88 -30.73 -4.94
CA CA E . 27.43 -9.54 -22.16
CA CA F . 11.41 -27.45 -7.26
C1 MPD G . 19.31 -22.56 -4.84
C2 MPD G . 20.33 -22.24 -3.77
O2 MPD G . 21.57 -21.90 -4.45
CM MPD G . 19.87 -21.04 -2.98
C3 MPD G . 20.66 -23.46 -2.91
C4 MPD G . 19.70 -23.65 -1.74
O4 MPD G . 18.60 -24.39 -2.19
C5 MPD G . 20.37 -24.37 -0.58
C1 HTJ H . -15.12 4.44 7.15
C2 HTJ H . -14.08 5.28 7.56
C3 HTJ H . -12.75 4.85 7.47
C4 HTJ H . -12.53 3.57 6.96
C5 HTJ H . -13.61 2.77 6.55
N6 HTJ H . -14.88 3.22 6.66
C7 HTJ H . -11.60 5.74 7.91
N8 HTJ H . -10.45 4.83 7.98
C9 HTJ H . -9.61 4.43 7.04
C10 HTJ H . -8.79 3.51 7.69
C11 HTJ H . -9.17 3.38 9.07
N12 HTJ H . -10.24 4.21 9.22
N13 HTJ H . -9.47 4.73 5.74
C14 HTJ H . -8.50 4.18 5.01
C15 HTJ H . -7.63 3.24 5.59
C16 HTJ H . -7.78 2.90 6.94
C18 HTJ H . -6.83 1.91 7.57
O19 HTJ H . -5.80 1.58 6.96
O20 HTJ H . -7.08 1.41 8.69
C21 HTJ H . -8.41 4.55 3.57
C22 HTJ H . -9.42 5.34 3.01
C23 HTJ H . -9.37 5.69 1.66
C24 HTJ H . -8.32 5.23 0.86
C25 HTJ H . -7.31 4.42 1.41
C26 HTJ H . -7.36 4.07 2.76
CA CA I . -11.20 27.85 6.63
C1 MRD J . -18.97 22.30 6.38
C2 MRD J . -20.19 21.66 7.04
O2 MRD J . -21.30 21.84 6.14
CM MRD J . -19.97 20.16 7.19
C3 MRD J . -20.55 22.34 8.37
C4 MRD J . -19.57 22.08 9.52
O4 MRD J . -20.27 21.44 10.57
C5 MRD J . -18.93 23.36 10.03
C1 PGE K . -34.63 -6.21 -26.44
O1 PGE K . -33.39 -6.90 -26.26
C2 PGE K . -34.55 -4.78 -25.89
O2 PGE K . -34.60 -3.85 -26.96
C3 PGE K . -33.92 -2.63 -26.65
C4 PGE K . -33.16 -2.13 -27.87
O4 PGE K . -28.78 -3.14 -28.11
C6 PGE K . -29.48 -1.88 -28.13
C5 PGE K . -30.92 -2.08 -28.59
O3 PGE K . -31.82 -1.81 -27.52
#